data_2PWP
#
_entry.id   2PWP
#
_cell.length_a   198.969
_cell.length_b   134.498
_cell.length_c   48.711
_cell.angle_alpha   90.00
_cell.angle_beta   95.88
_cell.angle_gamma   90.00
#
_symmetry.space_group_name_H-M   'C 1 2 1'
#
loop_
_entity.id
_entity.type
_entity.pdbx_description
1 polymer 'Spermidine synthase'
2 non-polymer SPERMIDINE
3 non-polymer GLYCEROL
4 non-polymer 'SULFATE ION'
5 water water
#
_entity_poly.entity_id   1
_entity_poly.type   'polypeptide(L)'
_entity_poly.pdbx_seq_one_letter_code
;SKKWFSEFSIMWPGQAFSLKIKKILYETKSKYQNVLVFESTTYGKVLVLDGVIQLTEKDEFAYHEMMTHVPMTVSKEPKN
VLVVGGGDGGIIRELCKYKSVENIDICEIDETVIEVSKIYFKNISCGYEDKRVNVFIEDASKFLENVTNTYDVIIVDSSD
PIGPAETLFNQNFYEKIYNALKPNGYCVAQCESLWIHVGTIKNMIGYAKKLFKKVEYANISIPTYPCGCIGILCCSKTDT
GLTKPNKKLESKEFADLKYYNYENHSAAFKLPAFLLKEIENI
;
_entity_poly.pdbx_strand_id   A,B,C
#
loop_
_chem_comp.id
_chem_comp.type
_chem_comp.name
_chem_comp.formula
GOL non-polymer GLYCEROL 'C3 H8 O3'
SO4 non-polymer 'SULFATE ION' 'O4 S -2'
SPD non-polymer SPERMIDINE 'C7 H19 N3'
#
# COMPACT_ATOMS: atom_id res chain seq x y z
N LYS A 2 -7.79 -31.05 -2.65
CA LYS A 2 -7.69 -32.31 -1.93
C LYS A 2 -8.29 -32.26 -0.52
N LYS A 3 -8.52 -31.06 0.02
CA LYS A 3 -9.07 -30.99 1.38
C LYS A 3 -10.52 -30.48 1.48
N TRP A 4 -11.10 -30.57 2.67
CA TRP A 4 -12.53 -30.36 2.86
C TRP A 4 -12.84 -29.25 3.85
N PHE A 5 -13.90 -28.49 3.59
CA PHE A 5 -14.44 -27.59 4.59
C PHE A 5 -15.55 -28.30 5.37
N SER A 6 -15.54 -28.18 6.70
CA SER A 6 -16.54 -28.80 7.55
C SER A 6 -17.20 -27.77 8.46
N GLU A 7 -18.53 -27.81 8.52
CA GLU A 7 -19.31 -26.84 9.27
C GLU A 7 -19.75 -27.40 10.63
N PHE A 8 -19.03 -27.04 11.68
CA PHE A 8 -19.38 -27.45 13.03
C PHE A 8 -20.02 -26.27 13.75
N SER A 9 -20.81 -26.57 14.78
CA SER A 9 -21.39 -25.51 15.60
C SER A 9 -22.10 -26.09 16.82
N ILE A 10 -22.05 -25.36 17.93
CA ILE A 10 -22.77 -25.77 19.13
C ILE A 10 -24.26 -25.63 18.91
N MET A 11 -24.64 -24.86 17.89
CA MET A 11 -26.04 -24.70 17.50
C MET A 11 -26.59 -25.97 16.83
N TRP A 12 -25.70 -26.86 16.39
CA TRP A 12 -26.13 -28.16 15.90
C TRP A 12 -25.10 -29.25 16.24
N PRO A 13 -25.01 -29.59 17.54
CA PRO A 13 -24.00 -30.53 18.03
C PRO A 13 -24.22 -31.93 17.47
N GLY A 14 -23.14 -32.69 17.28
CA GLY A 14 -23.26 -34.07 16.87
C GLY A 14 -23.52 -34.25 15.40
N GLN A 15 -23.52 -33.16 14.64
CA GLN A 15 -23.66 -33.26 13.19
C GLN A 15 -22.76 -32.27 12.48
N ALA A 16 -22.43 -32.56 11.22
CA ALA A 16 -21.62 -31.65 10.41
C ALA A 16 -21.80 -31.91 8.92
N PHE A 17 -21.70 -30.85 8.13
CA PHE A 17 -21.81 -30.97 6.68
C PHE A 17 -20.50 -30.49 6.04
N SER A 18 -20.01 -31.24 5.06
CA SER A 18 -18.72 -30.95 4.45
C SER A 18 -18.78 -30.79 2.95
N LEU A 19 -17.96 -29.87 2.45
CA LEU A 19 -17.84 -29.66 1.02
C LEU A 19 -16.38 -29.78 0.63
N LYS A 20 -16.13 -30.45 -0.48
CA LYS A 20 -14.77 -30.59 -0.96
C LYS A 20 -14.31 -29.24 -1.53
N ILE A 21 -13.16 -28.79 -1.08
CA ILE A 21 -12.60 -27.50 -1.50
C ILE A 21 -11.76 -27.65 -2.76
N LYS A 22 -12.17 -26.99 -3.85
CA LYS A 22 -11.35 -26.97 -5.07
C LYS A 22 -10.20 -25.95 -4.97
N LYS A 23 -10.52 -24.71 -4.58
CA LYS A 23 -9.49 -23.74 -4.19
C LYS A 23 -10.02 -22.66 -3.25
N ILE A 24 -9.22 -22.29 -2.25
CA ILE A 24 -9.59 -21.22 -1.34
C ILE A 24 -9.35 -19.88 -2.03
N LEU A 25 -10.36 -19.00 -2.01
CA LEU A 25 -10.30 -17.76 -2.79
C LEU A 25 -9.94 -16.53 -1.97
N TYR A 26 -10.38 -16.48 -0.72
CA TYR A 26 -10.19 -15.31 0.11
C TYR A 26 -10.51 -15.59 1.58
N GLU A 27 -9.71 -15.04 2.48
CA GLU A 27 -9.96 -15.12 3.91
C GLU A 27 -9.53 -13.84 4.60
N THR A 28 -10.30 -13.42 5.60
CA THR A 28 -9.94 -12.28 6.43
C THR A 28 -10.69 -12.32 7.75
N LYS A 29 -10.21 -11.55 8.72
CA LYS A 29 -10.96 -11.32 9.94
C LYS A 29 -11.42 -9.87 9.92
N SER A 30 -12.70 -9.66 9.66
CA SER A 30 -13.24 -8.32 9.63
C SER A 30 -13.42 -7.82 11.05
N LYS A 31 -13.91 -6.60 11.19
CA LYS A 31 -14.23 -6.05 12.49
C LYS A 31 -15.19 -6.97 13.25
N TYR A 32 -15.99 -7.73 12.52
CA TYR A 32 -17.09 -8.45 13.15
C TYR A 32 -17.01 -9.97 13.12
N GLN A 33 -16.33 -10.54 12.13
CA GLN A 33 -16.38 -11.98 11.96
C GLN A 33 -15.31 -12.49 11.01
N ASN A 34 -15.08 -13.79 11.04
CA ASN A 34 -14.21 -14.42 10.07
C ASN A 34 -14.92 -14.67 8.75
N VAL A 35 -14.25 -14.34 7.65
CA VAL A 35 -14.83 -14.45 6.33
C VAL A 35 -14.00 -15.41 5.50
N LEU A 36 -14.65 -16.39 4.88
CA LEU A 36 -13.97 -17.32 3.98
C LEU A 36 -14.77 -17.49 2.70
N VAL A 37 -14.08 -17.46 1.58
CA VAL A 37 -14.68 -17.71 0.27
C VAL A 37 -13.86 -18.76 -0.45
N PHE A 38 -14.49 -19.89 -0.80
CA PHE A 38 -13.80 -20.88 -1.60
C PHE A 38 -14.63 -21.33 -2.79
N GLU A 39 -13.96 -21.90 -3.77
CA GLU A 39 -14.64 -22.58 -4.86
C GLU A 39 -14.77 -24.05 -4.44
N SER A 40 -16.00 -24.54 -4.29
CA SER A 40 -16.19 -25.95 -3.97
C SER A 40 -16.13 -26.78 -5.26
N THR A 41 -15.90 -28.08 -5.13
CA THR A 41 -15.81 -28.95 -6.30
C THR A 41 -17.17 -29.15 -6.96
N THR A 42 -18.25 -29.09 -6.20
CA THR A 42 -19.56 -29.39 -6.78
C THR A 42 -20.67 -28.38 -6.52
N TYR A 43 -20.51 -27.52 -5.52
CA TYR A 43 -21.53 -26.50 -5.25
C TYR A 43 -21.14 -25.08 -5.73
N GLY A 44 -20.12 -25.00 -6.57
CA GLY A 44 -19.62 -23.70 -7.02
C GLY A 44 -19.01 -22.91 -5.87
N LYS A 45 -19.09 -21.58 -5.94
CA LYS A 45 -18.47 -20.74 -4.92
C LYS A 45 -19.29 -20.67 -3.64
N VAL A 46 -18.61 -20.56 -2.51
CA VAL A 46 -19.20 -20.71 -1.20
C VAL A 46 -18.77 -19.59 -0.26
N LEU A 47 -19.71 -18.98 0.44
CA LEU A 47 -19.36 -17.93 1.38
C LEU A 47 -19.54 -18.43 2.80
N VAL A 48 -18.48 -18.30 3.60
CA VAL A 48 -18.52 -18.77 4.98
C VAL A 48 -18.28 -17.62 5.95
N LEU A 49 -19.10 -17.53 7.00
CA LEU A 49 -18.93 -16.49 8.01
C LEU A 49 -18.85 -17.11 9.40
N ASP A 50 -17.75 -16.86 10.10
CA ASP A 50 -17.52 -17.48 11.41
C ASP A 50 -17.71 -18.99 11.33
N GLY A 51 -17.28 -19.59 10.22
CA GLY A 51 -17.37 -21.02 10.05
C GLY A 51 -18.76 -21.53 9.75
N VAL A 52 -19.69 -20.63 9.46
CA VAL A 52 -21.05 -21.02 9.10
C VAL A 52 -21.31 -20.67 7.64
N ILE A 53 -21.79 -21.64 6.87
CA ILE A 53 -22.08 -21.43 5.47
C ILE A 53 -23.25 -20.46 5.31
N GLN A 54 -23.01 -19.38 4.57
CA GLN A 54 -24.03 -18.36 4.32
C GLN A 54 -24.74 -18.64 3.01
N LEU A 55 -23.99 -19.11 2.03
CA LEU A 55 -24.59 -19.43 0.75
C LEU A 55 -23.61 -20.16 -0.13
N THR A 56 -24.14 -20.86 -1.14
CA THR A 56 -23.34 -21.41 -2.21
C THR A 56 -24.08 -21.09 -3.49
N GLU A 57 -23.35 -21.00 -4.58
CA GLU A 57 -23.92 -20.66 -5.86
C GLU A 57 -24.98 -21.66 -6.30
N LYS A 58 -24.79 -22.93 -5.95
CA LYS A 58 -25.63 -24.00 -6.47
C LYS A 58 -27.06 -23.89 -5.99
N ASP A 59 -27.26 -23.43 -4.75
CA ASP A 59 -28.60 -23.51 -4.17
C ASP A 59 -29.15 -22.23 -3.53
N GLU A 60 -28.41 -21.13 -3.57
CA GLU A 60 -28.86 -19.92 -2.88
C GLU A 60 -30.19 -19.41 -3.43
N PHE A 61 -30.49 -19.74 -4.68
CA PHE A 61 -31.73 -19.28 -5.30
C PHE A 61 -32.96 -19.76 -4.54
N ALA A 62 -32.85 -20.90 -3.88
CA ALA A 62 -33.95 -21.43 -3.09
C ALA A 62 -34.30 -20.51 -1.92
N TYR A 63 -33.28 -20.16 -1.16
CA TYR A 63 -33.48 -19.30 0.00
C TYR A 63 -33.89 -17.88 -0.38
N HIS A 64 -33.14 -17.28 -1.30
CA HIS A 64 -33.42 -15.90 -1.69
C HIS A 64 -34.79 -15.72 -2.39
N GLU A 65 -35.12 -16.59 -3.34
CA GLU A 65 -36.45 -16.57 -3.95
C GLU A 65 -37.61 -16.73 -2.95
N MET A 66 -37.56 -17.74 -2.07
CA MET A 66 -38.68 -17.94 -1.12
C MET A 66 -38.79 -16.80 -0.10
N MET A 67 -37.66 -16.36 0.45
CA MET A 67 -37.67 -15.24 1.39
C MET A 67 -38.23 -13.97 0.75
N THR A 68 -37.94 -13.76 -0.53
CA THR A 68 -38.37 -12.52 -1.18
C THR A 68 -39.78 -12.60 -1.76
N HIS A 69 -40.03 -13.59 -2.61
CA HIS A 69 -41.26 -13.62 -3.38
C HIS A 69 -42.48 -14.03 -2.58
N VAL A 70 -42.27 -14.63 -1.42
CA VAL A 70 -43.40 -14.89 -0.54
C VAL A 70 -44.05 -13.56 -0.09
N PRO A 71 -43.32 -12.73 0.66
CA PRO A 71 -43.90 -11.46 1.13
C PRO A 71 -44.22 -10.49 -0.03
N MET A 72 -43.39 -10.48 -1.06
CA MET A 72 -43.57 -9.54 -2.17
C MET A 72 -44.74 -9.85 -3.11
N THR A 73 -45.23 -11.09 -3.10
CA THR A 73 -46.39 -11.43 -3.93
C THR A 73 -47.67 -11.31 -3.12
N VAL A 74 -47.53 -10.96 -1.85
CA VAL A 74 -48.68 -10.81 -0.97
C VAL A 74 -48.94 -9.33 -0.71
N SER A 75 -47.87 -8.55 -0.57
CA SER A 75 -47.98 -7.10 -0.46
C SER A 75 -48.57 -6.58 -1.78
N LYS A 76 -49.64 -5.79 -1.70
CA LYS A 76 -50.34 -5.33 -2.89
C LYS A 76 -49.45 -4.53 -3.85
N GLU A 77 -48.93 -3.40 -3.37
CA GLU A 77 -48.10 -2.53 -4.20
C GLU A 77 -46.94 -2.01 -3.36
N PRO A 78 -45.96 -2.86 -3.06
CA PRO A 78 -44.82 -2.47 -2.23
C PRO A 78 -43.95 -1.42 -2.91
N LYS A 79 -43.69 -0.32 -2.21
CA LYS A 79 -42.89 0.77 -2.77
C LYS A 79 -41.54 0.88 -2.06
N ASN A 80 -41.57 0.67 -0.75
CA ASN A 80 -40.38 0.80 0.08
C ASN A 80 -40.07 -0.47 0.87
N VAL A 81 -38.94 -1.10 0.55
CA VAL A 81 -38.56 -2.37 1.16
C VAL A 81 -37.24 -2.28 1.95
N LEU A 82 -37.18 -2.93 3.10
CA LEU A 82 -35.96 -2.96 3.89
C LEU A 82 -35.45 -4.38 4.04
N VAL A 83 -34.17 -4.58 3.75
CA VAL A 83 -33.50 -5.84 4.03
C VAL A 83 -32.55 -5.65 5.21
N VAL A 84 -32.78 -6.38 6.30
CA VAL A 84 -31.86 -6.38 7.44
C VAL A 84 -30.85 -7.52 7.30
N GLY A 85 -29.57 -7.22 7.42
CA GLY A 85 -28.54 -8.19 7.11
C GLY A 85 -28.46 -8.36 5.61
N GLY A 86 -28.10 -9.56 5.15
CA GLY A 86 -28.07 -9.83 3.72
C GLY A 86 -27.08 -9.01 2.90
N GLY A 87 -25.89 -8.79 3.44
CA GLY A 87 -24.84 -8.08 2.72
C GLY A 87 -24.47 -8.74 1.40
N ASP A 88 -24.77 -10.02 1.26
CA ASP A 88 -24.42 -10.73 0.02
C ASP A 88 -25.25 -10.27 -1.17
N GLY A 89 -26.42 -9.70 -0.92
CA GLY A 89 -27.24 -9.14 -1.99
C GLY A 89 -28.25 -10.03 -2.70
N GLY A 90 -28.35 -11.30 -2.29
CA GLY A 90 -29.33 -12.22 -2.86
C GLY A 90 -30.76 -11.74 -2.74
N ILE A 91 -31.15 -11.25 -1.56
CA ILE A 91 -32.50 -10.70 -1.41
C ILE A 91 -32.67 -9.53 -2.38
N ILE A 92 -31.75 -8.57 -2.32
CA ILE A 92 -31.77 -7.40 -3.20
C ILE A 92 -31.93 -7.77 -4.67
N ARG A 93 -31.20 -8.79 -5.14
CA ARG A 93 -31.32 -9.21 -6.53
C ARG A 93 -32.77 -9.55 -6.88
N GLU A 94 -33.43 -10.29 -5.99
CA GLU A 94 -34.79 -10.73 -6.27
C GLU A 94 -35.76 -9.56 -6.19
N LEU A 95 -35.50 -8.65 -5.24
CA LEU A 95 -36.33 -7.45 -5.09
C LEU A 95 -36.31 -6.52 -6.30
N CYS A 96 -35.14 -6.35 -6.91
CA CYS A 96 -35.01 -5.44 -8.04
C CYS A 96 -35.86 -5.88 -9.22
N LYS A 97 -36.30 -7.13 -9.19
CA LYS A 97 -37.07 -7.71 -10.28
C LYS A 97 -38.45 -7.07 -10.35
N TYR A 98 -38.87 -6.47 -9.23
CA TYR A 98 -40.16 -5.82 -9.13
C TYR A 98 -40.04 -4.37 -9.57
N LYS A 99 -40.51 -4.06 -10.77
CA LYS A 99 -40.32 -2.70 -11.31
C LYS A 99 -41.13 -1.65 -10.56
N SER A 100 -42.10 -2.10 -9.75
CA SER A 100 -42.95 -1.19 -8.98
C SER A 100 -42.30 -0.73 -7.67
N VAL A 101 -41.29 -1.46 -7.20
CA VAL A 101 -40.56 -1.01 -6.02
C VAL A 101 -39.82 0.27 -6.39
N GLU A 102 -39.84 1.27 -5.50
CA GLU A 102 -39.09 2.49 -5.78
C GLU A 102 -37.92 2.74 -4.83
N ASN A 103 -37.90 2.06 -3.69
CA ASN A 103 -36.76 2.12 -2.79
C ASN A 103 -36.47 0.83 -2.02
N ILE A 104 -35.21 0.42 -2.06
CA ILE A 104 -34.74 -0.73 -1.29
C ILE A 104 -33.60 -0.28 -0.37
N ASP A 105 -33.87 -0.26 0.93
CA ASP A 105 -32.85 0.03 1.93
C ASP A 105 -32.29 -1.29 2.46
N ILE A 106 -30.98 -1.37 2.59
CA ILE A 106 -30.40 -2.52 3.25
C ILE A 106 -29.52 -2.09 4.40
N CYS A 107 -29.70 -2.74 5.54
CA CYS A 107 -28.89 -2.46 6.70
C CYS A 107 -27.97 -3.64 7.06
N GLU A 108 -26.69 -3.52 6.75
CA GLU A 108 -25.73 -4.58 7.00
C GLU A 108 -24.60 -4.04 7.87
N ILE A 109 -24.31 -4.71 8.97
CA ILE A 109 -23.29 -4.23 9.92
C ILE A 109 -21.85 -4.38 9.41
N ASP A 110 -21.61 -5.34 8.53
CA ASP A 110 -20.24 -5.66 8.11
C ASP A 110 -20.02 -5.37 6.63
N GLU A 111 -19.47 -4.20 6.30
CA GLU A 111 -19.32 -3.83 4.91
C GLU A 111 -18.39 -4.78 4.16
N THR A 112 -17.50 -5.45 4.90
CA THR A 112 -16.63 -6.47 4.29
C THR A 112 -17.48 -7.52 3.57
N VAL A 113 -18.58 -7.93 4.20
CA VAL A 113 -19.47 -8.91 3.57
C VAL A 113 -19.95 -8.41 2.22
N ILE A 114 -20.39 -7.16 2.17
CA ILE A 114 -20.84 -6.56 0.92
C ILE A 114 -19.73 -6.48 -0.12
N GLU A 115 -18.57 -6.01 0.30
CA GLU A 115 -17.45 -5.84 -0.61
C GLU A 115 -16.99 -7.18 -1.20
N VAL A 116 -16.78 -8.17 -0.33
CA VAL A 116 -16.44 -9.53 -0.75
C VAL A 116 -17.46 -10.06 -1.74
N SER A 117 -18.73 -9.89 -1.42
CA SER A 117 -19.79 -10.36 -2.29
C SER A 117 -19.74 -9.69 -3.66
N LYS A 118 -19.46 -8.40 -3.69
CA LYS A 118 -19.39 -7.64 -4.94
C LYS A 118 -18.27 -8.12 -5.85
N ILE A 119 -17.21 -8.64 -5.24
CA ILE A 119 -16.04 -9.11 -5.97
C ILE A 119 -16.18 -10.58 -6.40
N TYR A 120 -16.57 -11.43 -5.46
CA TYR A 120 -16.56 -12.87 -5.73
C TYR A 120 -17.90 -13.46 -6.14
N PHE A 121 -18.99 -12.78 -5.84
CA PHE A 121 -20.32 -13.33 -6.14
C PHE A 121 -21.13 -12.38 -6.99
N LYS A 122 -20.65 -12.14 -8.22
CA LYS A 122 -21.21 -11.09 -9.06
C LYS A 122 -22.67 -11.32 -9.45
N ASN A 123 -23.02 -12.56 -9.79
CA ASN A 123 -24.39 -12.87 -10.16
C ASN A 123 -25.34 -12.86 -8.97
N ILE A 124 -24.78 -12.66 -7.78
CA ILE A 124 -25.57 -12.59 -6.56
C ILE A 124 -25.68 -11.16 -6.04
N SER A 125 -24.62 -10.38 -6.22
CA SER A 125 -24.54 -9.02 -5.67
C SER A 125 -24.85 -7.94 -6.72
N CYS A 126 -25.25 -8.37 -7.90
CA CYS A 126 -25.52 -7.46 -9.02
C CYS A 126 -26.60 -6.41 -8.72
N GLY A 127 -27.49 -6.72 -7.78
CA GLY A 127 -28.55 -5.80 -7.40
C GLY A 127 -28.03 -4.47 -6.87
N TYR A 128 -26.79 -4.46 -6.39
CA TYR A 128 -26.20 -3.23 -5.84
C TYR A 128 -26.01 -2.15 -6.90
N GLU A 129 -26.00 -2.54 -8.17
CA GLU A 129 -25.85 -1.57 -9.26
C GLU A 129 -27.15 -0.85 -9.58
N ASP A 130 -28.22 -1.20 -8.89
CA ASP A 130 -29.54 -0.62 -9.15
C ASP A 130 -29.75 0.66 -8.33
N LYS A 131 -30.22 1.71 -8.99
CA LYS A 131 -30.29 3.03 -8.37
C LYS A 131 -31.24 3.12 -7.17
N ARG A 132 -32.17 2.19 -7.04
CA ARG A 132 -33.12 2.25 -5.94
C ARG A 132 -32.49 1.78 -4.63
N VAL A 133 -31.35 1.11 -4.75
CA VAL A 133 -30.72 0.46 -3.61
C VAL A 133 -29.86 1.42 -2.79
N ASN A 134 -30.09 1.45 -1.49
CA ASN A 134 -29.35 2.30 -0.60
C ASN A 134 -28.79 1.55 0.59
N VAL A 135 -27.48 1.61 0.75
CA VAL A 135 -26.77 0.81 1.74
C VAL A 135 -26.45 1.60 3.00
N PHE A 136 -26.73 0.98 4.13
CA PHE A 136 -26.42 1.54 5.43
C PHE A 136 -25.58 0.55 6.20
N ILE A 137 -24.34 0.94 6.50
CA ILE A 137 -23.48 0.10 7.31
C ILE A 137 -23.73 0.40 8.78
N GLU A 138 -24.60 -0.38 9.40
CA GLU A 138 -24.78 -0.27 10.84
C GLU A 138 -25.64 -1.35 11.50
N ASP A 139 -25.62 -1.33 12.82
CA ASP A 139 -26.39 -2.22 13.68
C ASP A 139 -27.88 -2.08 13.35
N ALA A 140 -28.55 -3.20 13.07
CA ALA A 140 -29.96 -3.19 12.71
C ALA A 140 -30.82 -2.54 13.79
N SER A 141 -30.46 -2.77 15.04
CA SER A 141 -31.22 -2.23 16.15
C SER A 141 -31.19 -0.69 16.15
N LYS A 142 -30.01 -0.12 15.90
CA LYS A 142 -29.87 1.33 15.82
C LYS A 142 -30.57 1.88 14.57
N PHE A 143 -30.35 1.20 13.45
CA PHE A 143 -30.99 1.62 12.22
C PHE A 143 -32.51 1.71 12.44
N LEU A 144 -33.09 0.66 13.02
CA LEU A 144 -34.53 0.58 13.19
C LEU A 144 -35.06 1.64 14.15
N GLU A 145 -34.23 2.02 15.12
N GLU A 145 -34.25 2.00 15.14
CA GLU A 145 -34.61 3.02 16.10
CA GLU A 145 -34.65 3.05 16.08
C GLU A 145 -34.58 4.43 15.49
C GLU A 145 -34.70 4.40 15.37
N ASN A 146 -33.73 4.61 14.47
CA ASN A 146 -33.53 5.93 13.87
C ASN A 146 -34.24 6.23 12.56
N VAL A 147 -34.69 5.21 11.83
CA VAL A 147 -35.25 5.45 10.51
C VAL A 147 -36.56 6.21 10.66
N THR A 148 -36.79 7.17 9.78
CA THR A 148 -38.00 7.97 9.84
C THR A 148 -39.08 7.37 8.93
N ASN A 149 -38.65 6.74 7.84
CA ASN A 149 -39.58 6.09 6.92
C ASN A 149 -40.20 4.85 7.54
N THR A 150 -41.30 4.40 6.96
CA THR A 150 -41.86 3.11 7.31
C THR A 150 -41.93 2.26 6.04
N TYR A 151 -41.93 0.95 6.20
CA TYR A 151 -41.75 0.07 5.05
C TYR A 151 -42.98 -0.75 4.76
N ASP A 152 -43.14 -1.10 3.49
CA ASP A 152 -44.18 -2.02 3.09
C ASP A 152 -43.78 -3.44 3.49
N VAL A 153 -42.50 -3.75 3.28
CA VAL A 153 -42.00 -5.08 3.59
C VAL A 153 -40.65 -4.99 4.26
N ILE A 154 -40.42 -5.84 5.24
CA ILE A 154 -39.12 -5.96 5.85
C ILE A 154 -38.66 -7.41 5.87
N ILE A 155 -37.50 -7.66 5.28
CA ILE A 155 -36.94 -8.99 5.22
C ILE A 155 -35.67 -9.10 6.05
N VAL A 156 -35.79 -9.79 7.18
CA VAL A 156 -34.67 -9.98 8.09
C VAL A 156 -33.85 -11.19 7.66
N ASP A 157 -32.89 -10.95 6.78
CA ASP A 157 -31.99 -11.96 6.23
C ASP A 157 -30.85 -12.16 7.22
N SER A 158 -31.20 -12.83 8.30
CA SER A 158 -30.70 -12.56 9.63
C SER A 158 -29.31 -12.96 10.06
N SER A 159 -28.88 -14.17 9.65
CA SER A 159 -27.67 -14.79 10.20
C SER A 159 -27.98 -15.45 11.56
N ASP A 160 -27.24 -16.51 11.89
CA ASP A 160 -27.48 -17.29 13.10
C ASP A 160 -27.33 -16.52 14.42
N PRO A 161 -28.09 -16.95 15.46
CA PRO A 161 -28.20 -16.32 16.78
C PRO A 161 -26.87 -16.19 17.53
N ILE A 162 -25.85 -16.92 17.09
CA ILE A 162 -24.52 -16.83 17.70
C ILE A 162 -23.57 -16.01 16.83
N GLY A 163 -23.25 -14.80 17.31
CA GLY A 163 -22.48 -13.85 16.55
C GLY A 163 -23.16 -12.49 16.51
N PRO A 164 -22.92 -11.72 15.44
CA PRO A 164 -23.49 -10.37 15.27
C PRO A 164 -25.02 -10.36 15.28
N ALA A 165 -25.63 -11.48 14.88
CA ALA A 165 -27.09 -11.56 14.77
C ALA A 165 -27.77 -12.04 16.06
N GLU A 166 -26.99 -12.13 17.14
CA GLU A 166 -27.51 -12.52 18.45
C GLU A 166 -28.59 -11.54 18.91
N THR A 167 -28.44 -10.28 18.52
CA THR A 167 -29.33 -9.21 18.94
C THR A 167 -30.63 -9.19 18.14
N LEU A 168 -30.67 -9.93 17.03
CA LEU A 168 -31.85 -9.98 16.16
C LEU A 168 -32.86 -11.06 16.59
N PHE A 169 -32.70 -11.57 17.82
CA PHE A 169 -33.52 -12.68 18.28
C PHE A 169 -34.17 -12.40 19.63
N ASN A 170 -34.84 -11.25 19.77
CA ASN A 170 -35.52 -10.91 21.03
C ASN A 170 -36.78 -10.07 20.89
N GLN A 171 -37.39 -9.72 22.03
CA GLN A 171 -38.68 -9.05 22.06
C GLN A 171 -38.61 -7.55 21.71
N ASN A 172 -37.51 -6.91 22.10
CA ASN A 172 -37.32 -5.50 21.76
C ASN A 172 -37.17 -5.32 20.26
N PHE A 173 -36.53 -6.29 19.61
CA PHE A 173 -36.26 -6.20 18.19
C PHE A 173 -37.53 -6.28 17.37
N TYR A 174 -38.47 -7.12 17.79
CA TYR A 174 -39.70 -7.28 17.01
C TYR A 174 -40.69 -6.12 17.13
N GLU A 175 -40.66 -5.41 18.26
CA GLU A 175 -41.46 -4.19 18.34
C GLU A 175 -40.90 -3.11 17.41
N LYS A 176 -39.57 -2.99 17.36
CA LYS A 176 -38.94 -2.07 16.42
C LYS A 176 -39.35 -2.38 14.98
N ILE A 177 -39.44 -3.66 14.66
CA ILE A 177 -39.86 -4.08 13.33
C ILE A 177 -41.30 -3.63 13.12
N TYR A 178 -42.15 -3.91 14.10
CA TYR A 178 -43.55 -3.54 14.03
C TYR A 178 -43.74 -2.04 13.78
N ASN A 179 -43.04 -1.20 14.54
CA ASN A 179 -43.14 0.25 14.38
C ASN A 179 -42.59 0.75 13.05
N ALA A 180 -41.70 -0.03 12.43
CA ALA A 180 -41.06 0.40 11.20
C ALA A 180 -41.88 0.02 9.98
N LEU A 181 -42.95 -0.74 10.20
CA LEU A 181 -43.81 -1.23 9.12
C LEU A 181 -45.03 -0.34 8.91
N LYS A 182 -45.49 -0.24 7.67
CA LYS A 182 -46.79 0.36 7.39
C LYS A 182 -47.88 -0.44 8.14
N PRO A 183 -49.06 0.16 8.36
CA PRO A 183 -50.13 -0.53 9.10
C PRO A 183 -50.58 -1.85 8.45
N ASN A 184 -50.39 -1.96 7.13
CA ASN A 184 -50.65 -3.19 6.40
C ASN A 184 -49.35 -3.83 5.90
N GLY A 185 -48.26 -3.64 6.66
CA GLY A 185 -46.94 -4.11 6.23
C GLY A 185 -46.59 -5.51 6.71
N TYR A 186 -45.64 -6.13 6.04
CA TYR A 186 -45.23 -7.51 6.36
C TYR A 186 -43.75 -7.63 6.69
N CYS A 187 -43.43 -8.51 7.64
CA CYS A 187 -42.06 -8.91 7.90
C CYS A 187 -41.93 -10.42 7.70
N VAL A 188 -40.82 -10.84 7.10
CA VAL A 188 -40.40 -12.24 7.12
C VAL A 188 -38.98 -12.29 7.66
N ALA A 189 -38.67 -13.33 8.42
CA ALA A 189 -37.36 -13.43 9.06
C ALA A 189 -36.82 -14.84 8.97
N GLN A 190 -35.52 -14.95 8.69
CA GLN A 190 -34.88 -16.25 8.75
C GLN A 190 -35.07 -16.83 10.14
N CYS A 191 -35.64 -18.03 10.19
CA CYS A 191 -35.97 -18.68 11.44
C CYS A 191 -35.41 -20.10 11.34
N GLU A 192 -34.89 -20.64 12.44
CA GLU A 192 -34.07 -21.84 12.38
C GLU A 192 -34.78 -23.12 11.88
N SER A 193 -34.01 -24.17 11.60
CA SER A 193 -34.51 -25.42 11.02
C SER A 193 -35.49 -26.18 11.95
N LEU A 194 -36.56 -26.72 11.37
CA LEU A 194 -37.57 -27.40 12.17
C LEU A 194 -37.04 -28.72 12.76
N TRP A 195 -35.92 -29.20 12.23
CA TRP A 195 -35.32 -30.43 12.72
C TRP A 195 -34.41 -30.21 13.92
N ILE A 196 -33.89 -29.00 14.11
CA ILE A 196 -32.83 -28.77 15.11
C ILE A 196 -33.27 -28.09 16.41
N HIS A 197 -34.01 -26.99 16.27
N HIS A 197 -33.92 -26.94 16.33
CA HIS A 197 -34.41 -26.18 17.41
CA HIS A 197 -34.42 -26.34 17.56
C HIS A 197 -35.86 -25.70 17.31
C HIS A 197 -35.80 -25.72 17.44
N VAL A 198 -36.79 -26.54 17.74
CA VAL A 198 -38.18 -26.15 17.79
C VAL A 198 -38.40 -25.22 18.98
N GLY A 199 -37.47 -25.27 19.93
CA GLY A 199 -37.51 -24.38 21.08
C GLY A 199 -37.33 -22.94 20.64
N THR A 200 -36.38 -22.72 19.73
CA THR A 200 -36.15 -21.39 19.19
C THR A 200 -37.36 -20.93 18.39
N ILE A 201 -37.84 -21.79 17.49
CA ILE A 201 -38.98 -21.46 16.64
C ILE A 201 -40.16 -21.06 17.50
N LYS A 202 -40.40 -21.82 18.56
CA LYS A 202 -41.48 -21.53 19.48
C LYS A 202 -41.32 -20.15 20.10
N ASN A 203 -40.11 -19.85 20.56
CA ASN A 203 -39.80 -18.55 21.15
C ASN A 203 -40.03 -17.38 20.20
N MET A 204 -39.53 -17.52 18.97
CA MET A 204 -39.70 -16.48 17.97
C MET A 204 -41.16 -16.22 17.69
N ILE A 205 -41.93 -17.30 17.60
CA ILE A 205 -43.37 -17.18 17.34
C ILE A 205 -44.08 -16.52 18.52
N GLY A 206 -43.57 -16.77 19.73
CA GLY A 206 -44.11 -16.14 20.93
C GLY A 206 -43.92 -14.64 20.91
N TYR A 207 -42.67 -14.20 20.73
CA TYR A 207 -42.33 -12.79 20.61
C TYR A 207 -43.17 -12.09 19.55
N ALA A 208 -43.33 -12.76 18.41
CA ALA A 208 -44.00 -12.16 17.26
C ALA A 208 -45.50 -11.98 17.46
N LYS A 209 -46.14 -12.97 18.08
CA LYS A 209 -47.59 -12.91 18.29
C LYS A 209 -47.97 -11.83 19.32
N LYS A 210 -47.01 -11.42 20.14
CA LYS A 210 -47.22 -10.36 21.12
C LYS A 210 -47.52 -9.02 20.43
N LEU A 211 -47.25 -8.96 19.14
CA LEU A 211 -47.37 -7.71 18.36
C LEU A 211 -48.19 -7.91 17.10
N PHE A 212 -47.81 -8.89 16.30
CA PHE A 212 -48.47 -9.15 15.03
C PHE A 212 -49.72 -10.01 15.21
N LYS A 213 -50.75 -9.74 14.43
CA LYS A 213 -52.00 -10.46 14.61
C LYS A 213 -51.99 -11.82 13.90
N LYS A 214 -51.07 -11.99 12.96
CA LYS A 214 -50.93 -13.27 12.25
C LYS A 214 -49.46 -13.67 12.11
N VAL A 215 -49.09 -14.76 12.76
CA VAL A 215 -47.73 -15.27 12.69
C VAL A 215 -47.73 -16.70 12.15
N GLU A 216 -47.13 -16.89 10.99
CA GLU A 216 -47.09 -18.18 10.33
C GLU A 216 -45.63 -18.61 10.09
N TYR A 217 -45.42 -19.90 9.89
CA TYR A 217 -44.08 -20.43 9.68
C TYR A 217 -44.04 -21.26 8.40
N ALA A 218 -43.00 -21.06 7.60
CA ALA A 218 -42.86 -21.78 6.33
C ALA A 218 -41.46 -22.39 6.25
N ASN A 219 -41.31 -23.41 5.38
CA ASN A 219 -40.06 -24.16 5.30
C ASN A 219 -39.48 -24.12 3.90
N ILE A 220 -38.16 -23.99 3.80
CA ILE A 220 -37.46 -24.00 2.51
C ILE A 220 -36.50 -25.17 2.42
N SER A 221 -36.50 -25.88 1.30
CA SER A 221 -35.53 -26.94 1.11
C SER A 221 -34.26 -26.34 0.53
N ILE A 222 -33.17 -26.44 1.29
CA ILE A 222 -31.87 -26.00 0.84
C ILE A 222 -30.77 -26.87 1.46
N PRO A 223 -30.02 -27.57 0.61
CA PRO A 223 -29.12 -28.63 1.09
C PRO A 223 -27.93 -28.13 1.90
N THR A 224 -27.50 -26.88 1.70
CA THR A 224 -26.28 -26.41 2.37
C THR A 224 -26.55 -25.65 3.66
N TYR A 225 -27.81 -25.65 4.12
CA TYR A 225 -28.07 -25.24 5.49
C TYR A 225 -28.24 -26.49 6.36
N PRO A 226 -27.86 -26.40 7.63
CA PRO A 226 -27.93 -27.55 8.55
C PRO A 226 -29.30 -28.23 8.51
N CYS A 227 -29.29 -29.55 8.33
CA CYS A 227 -30.50 -30.36 8.19
C CYS A 227 -31.20 -30.22 6.84
N GLY A 228 -30.62 -29.43 5.94
CA GLY A 228 -31.15 -29.30 4.59
C GLY A 228 -32.43 -28.49 4.45
N CYS A 229 -32.74 -27.65 5.43
CA CYS A 229 -33.89 -26.78 5.27
C CYS A 229 -33.77 -25.64 6.25
N ILE A 230 -34.56 -24.59 6.04
CA ILE A 230 -34.58 -23.46 6.96
C ILE A 230 -35.95 -22.80 6.93
N GLY A 231 -36.35 -22.22 8.05
CA GLY A 231 -37.69 -21.69 8.18
C GLY A 231 -37.79 -20.19 7.94
N ILE A 232 -39.01 -19.74 7.68
CA ILE A 232 -39.32 -18.32 7.52
C ILE A 232 -40.38 -17.94 8.54
N LEU A 233 -40.01 -17.08 9.48
CA LEU A 233 -40.99 -16.57 10.41
C LEU A 233 -41.77 -15.45 9.72
N CYS A 234 -43.07 -15.67 9.52
CA CYS A 234 -43.91 -14.72 8.80
C CYS A 234 -44.82 -13.91 9.72
N CYS A 235 -44.71 -12.58 9.64
CA CYS A 235 -45.46 -11.68 10.50
C CYS A 235 -46.36 -10.73 9.70
N SER A 236 -47.62 -10.65 10.09
CA SER A 236 -48.62 -9.87 9.36
C SER A 236 -49.38 -8.97 10.31
N LYS A 237 -49.76 -7.79 9.81
CA LYS A 237 -50.54 -6.86 10.61
C LYS A 237 -52.03 -7.06 10.37
N THR A 238 -52.36 -7.53 9.17
CA THR A 238 -53.72 -7.96 8.84
C THR A 238 -53.86 -9.42 9.20
N ASP A 239 -55.08 -9.88 9.42
CA ASP A 239 -55.30 -11.27 9.81
C ASP A 239 -55.26 -12.22 8.61
N THR A 240 -55.08 -11.69 7.42
CA THR A 240 -55.02 -12.51 6.21
C THR A 240 -53.72 -13.32 6.05
N GLY A 241 -52.63 -12.84 6.64
CA GLY A 241 -51.37 -13.59 6.63
C GLY A 241 -50.69 -13.73 5.26
N LEU A 242 -49.68 -14.60 5.19
CA LEU A 242 -48.81 -14.64 4.01
C LEU A 242 -48.80 -15.94 3.21
N THR A 243 -49.74 -16.84 3.49
CA THR A 243 -49.72 -18.17 2.85
C THR A 243 -50.21 -18.17 1.39
N LYS A 244 -50.93 -17.13 1.00
CA LYS A 244 -51.56 -17.11 -0.33
C LYS A 244 -51.11 -15.89 -1.16
N PRO A 245 -50.41 -16.13 -2.28
CA PRO A 245 -50.00 -15.02 -3.15
C PRO A 245 -51.19 -14.28 -3.75
N ASN A 246 -51.04 -12.99 -4.02
CA ASN A 246 -52.09 -12.18 -4.64
C ASN A 246 -51.84 -11.92 -6.11
N LYS A 247 -50.68 -12.34 -6.60
CA LYS A 247 -50.30 -12.04 -7.97
C LYS A 247 -49.39 -13.12 -8.51
N LYS A 248 -49.36 -13.27 -9.83
CA LYS A 248 -48.45 -14.21 -10.47
C LYS A 248 -47.28 -13.46 -11.10
N LEU A 249 -46.11 -14.08 -11.05
CA LEU A 249 -44.91 -13.46 -11.57
C LEU A 249 -44.70 -13.85 -13.03
N GLU A 250 -45.38 -13.14 -13.92
CA GLU A 250 -45.38 -13.50 -15.34
C GLU A 250 -44.49 -12.57 -16.18
N SER A 251 -44.08 -11.45 -15.60
CA SER A 251 -43.19 -10.49 -16.25
C SER A 251 -41.89 -11.16 -16.64
N LYS A 252 -41.24 -10.67 -17.70
CA LYS A 252 -40.02 -11.30 -18.18
C LYS A 252 -38.89 -11.27 -17.14
N GLU A 253 -39.05 -10.43 -16.12
CA GLU A 253 -38.07 -10.35 -15.03
C GLU A 253 -38.04 -11.63 -14.21
N PHE A 254 -39.16 -12.35 -14.20
CA PHE A 254 -39.33 -13.50 -13.32
C PHE A 254 -39.23 -14.83 -14.05
N ALA A 255 -39.03 -14.78 -15.37
CA ALA A 255 -38.97 -15.99 -16.18
C ALA A 255 -37.75 -16.87 -15.87
N ASP A 256 -36.86 -16.38 -15.02
CA ASP A 256 -35.62 -17.10 -14.72
C ASP A 256 -35.65 -17.77 -13.34
N LEU A 257 -36.76 -17.60 -12.63
CA LEU A 257 -36.92 -18.16 -11.28
C LEU A 257 -36.63 -19.66 -11.34
N LYS A 258 -36.01 -20.17 -10.27
CA LYS A 258 -35.52 -21.55 -10.28
C LYS A 258 -36.17 -22.40 -9.19
N TYR A 259 -36.85 -21.76 -8.24
CA TYR A 259 -37.48 -22.47 -7.15
C TYR A 259 -38.92 -22.03 -6.94
N TYR A 260 -39.10 -20.77 -6.54
CA TYR A 260 -40.43 -20.24 -6.28
C TYR A 260 -41.38 -20.34 -7.48
N ASN A 261 -42.61 -20.75 -7.20
CA ASN A 261 -43.72 -20.53 -8.10
C ASN A 261 -44.99 -20.38 -7.28
N TYR A 262 -46.12 -20.18 -7.94
CA TYR A 262 -47.37 -19.84 -7.27
C TYR A 262 -47.84 -20.91 -6.28
N GLU A 263 -47.75 -22.17 -6.68
CA GLU A 263 -48.19 -23.27 -5.83
C GLU A 263 -47.25 -23.54 -4.65
N ASN A 264 -45.94 -23.56 -4.91
CA ASN A 264 -45.07 -23.93 -3.82
CA ASN A 264 -44.93 -23.84 -3.89
C ASN A 264 -44.95 -22.82 -2.78
N HIS A 265 -45.46 -21.63 -3.10
CA HIS A 265 -45.60 -20.54 -2.14
C HIS A 265 -46.43 -21.03 -0.94
N SER A 266 -47.64 -21.52 -1.19
CA SER A 266 -48.52 -21.97 -0.10
C SER A 266 -48.11 -23.34 0.46
N ALA A 267 -47.59 -24.20 -0.40
CA ALA A 267 -47.12 -25.52 0.00
C ALA A 267 -46.11 -25.40 1.12
N ALA A 268 -45.28 -24.37 1.04
CA ALA A 268 -44.17 -24.23 1.96
C ALA A 268 -44.68 -24.06 3.38
N PHE A 269 -45.96 -23.74 3.52
CA PHE A 269 -46.55 -23.54 4.84
C PHE A 269 -47.16 -24.81 5.42
N LYS A 270 -47.11 -25.89 4.64
CA LYS A 270 -47.65 -27.19 5.09
C LYS A 270 -46.56 -27.95 5.83
N LEU A 271 -46.61 -27.90 7.16
CA LEU A 271 -45.53 -28.37 8.02
C LEU A 271 -45.76 -29.80 8.50
N PRO A 272 -44.68 -30.49 8.88
CA PRO A 272 -44.73 -31.83 9.49
C PRO A 272 -45.57 -31.85 10.76
N ALA A 273 -46.35 -32.92 10.94
CA ALA A 273 -47.30 -33.00 12.05
C ALA A 273 -46.70 -32.66 13.41
N PHE A 274 -45.47 -33.10 13.66
CA PHE A 274 -44.84 -32.86 14.96
C PHE A 274 -44.61 -31.38 15.24
N LEU A 275 -44.37 -30.60 14.20
CA LEU A 275 -44.15 -29.17 14.37
C LEU A 275 -45.46 -28.42 14.64
N LEU A 276 -46.48 -28.71 13.83
CA LEU A 276 -47.80 -28.12 14.05
C LEU A 276 -48.23 -28.33 15.49
N LYS A 277 -47.95 -29.51 16.01
CA LYS A 277 -48.33 -29.84 17.37
C LYS A 277 -47.56 -29.00 18.38
N GLU A 278 -46.27 -28.83 18.14
CA GLU A 278 -45.46 -28.03 19.04
C GLU A 278 -45.90 -26.56 19.04
N ILE A 279 -46.33 -26.06 17.89
CA ILE A 279 -46.68 -24.65 17.80
C ILE A 279 -48.17 -24.33 17.90
N GLU A 280 -48.74 -24.66 19.05
CA GLU A 280 -49.77 -23.82 19.67
C GLU A 280 -49.93 -24.07 21.16
N ASN A 281 -50.96 -23.44 21.71
CA ASN A 281 -50.93 -23.03 23.10
C ASN A 281 -49.88 -21.92 23.18
N ILE A 282 -49.40 -21.54 21.99
CA ILE A 282 -48.54 -20.37 21.83
C ILE A 282 -49.41 -19.18 21.47
N LYS B 2 6.18 -18.81 -14.01
CA LYS B 2 5.72 -17.66 -13.24
C LYS B 2 6.01 -16.35 -13.98
N LYS B 3 5.09 -15.39 -13.87
CA LYS B 3 5.15 -14.17 -14.67
C LYS B 3 5.66 -12.94 -13.90
N TRP B 4 5.92 -11.86 -14.62
CA TRP B 4 6.42 -10.63 -14.03
C TRP B 4 5.51 -9.48 -14.40
N PHE B 5 5.32 -8.56 -13.46
CA PHE B 5 4.68 -7.29 -13.77
C PHE B 5 5.74 -6.25 -14.12
N SER B 6 5.55 -5.56 -15.24
CA SER B 6 6.52 -4.56 -15.68
C SER B 6 5.84 -3.20 -15.83
N GLU B 7 6.43 -2.18 -15.20
CA GLU B 7 5.87 -0.84 -15.22
C GLU B 7 6.56 0.00 -16.29
N PHE B 8 5.86 0.25 -17.40
CA PHE B 8 6.37 1.11 -18.47
C PHE B 8 5.53 2.36 -18.50
N SER B 9 6.12 3.47 -18.93
CA SER B 9 5.36 4.69 -19.13
C SER B 9 6.08 5.66 -20.05
N ILE B 10 5.30 6.45 -20.78
CA ILE B 10 5.85 7.54 -21.58
C ILE B 10 6.41 8.62 -20.66
N MET B 11 5.98 8.61 -19.40
CA MET B 11 6.42 9.58 -18.39
CA MET B 11 6.44 9.62 -18.44
C MET B 11 7.86 9.32 -17.92
N TRP B 12 8.36 8.12 -18.20
CA TRP B 12 9.74 7.78 -17.88
C TRP B 12 10.25 6.78 -18.92
N PRO B 13 10.48 7.28 -20.15
CA PRO B 13 10.81 6.39 -21.27
C PRO B 13 12.22 5.84 -21.14
N GLY B 14 12.45 4.67 -21.72
CA GLY B 14 13.77 4.08 -21.70
C GLY B 14 14.12 3.32 -20.43
N GLN B 15 13.22 3.31 -19.45
CA GLN B 15 13.48 2.51 -18.25
C GLN B 15 12.23 1.71 -17.87
N ALA B 16 12.40 0.71 -17.01
CA ALA B 16 11.26 -0.04 -16.50
C ALA B 16 11.62 -0.76 -15.22
N PHE B 17 10.64 -0.92 -14.35
CA PHE B 17 10.82 -1.66 -13.12
C PHE B 17 9.85 -2.83 -13.10
N SER B 18 10.33 -4.02 -12.72
CA SER B 18 9.48 -5.19 -12.73
C SER B 18 9.47 -5.93 -11.40
N LEU B 19 8.34 -6.53 -11.06
CA LEU B 19 8.23 -7.38 -9.88
C LEU B 19 7.64 -8.71 -10.29
N LYS B 20 8.20 -9.78 -9.74
CA LYS B 20 7.73 -11.13 -10.02
C LYS B 20 6.42 -11.39 -9.30
N ILE B 21 5.46 -11.95 -10.02
CA ILE B 21 4.09 -12.13 -9.53
C ILE B 21 3.89 -13.49 -8.87
N LYS B 22 3.56 -13.49 -7.59
CA LYS B 22 3.27 -14.75 -6.90
C LYS B 22 1.86 -15.21 -7.24
N LYS B 23 0.91 -14.28 -7.22
CA LYS B 23 -0.42 -14.54 -7.73
C LYS B 23 -1.26 -13.29 -7.90
N ILE B 24 -2.01 -13.23 -9.00
CA ILE B 24 -2.98 -12.17 -9.22
C ILE B 24 -4.13 -12.35 -8.23
N LEU B 25 -4.64 -11.24 -7.69
CA LEU B 25 -5.70 -11.32 -6.69
C LEU B 25 -6.99 -10.71 -7.21
N TYR B 26 -6.85 -9.69 -8.04
CA TYR B 26 -8.00 -8.96 -8.52
C TYR B 26 -7.62 -8.10 -9.70
N GLU B 27 -8.48 -8.12 -10.71
CA GLU B 27 -8.30 -7.25 -11.85
C GLU B 27 -9.68 -6.83 -12.32
N THR B 28 -9.85 -5.54 -12.58
CA THR B 28 -11.12 -5.03 -13.02
C THR B 28 -10.93 -3.66 -13.63
N LYS B 29 -11.96 -3.19 -14.34
CA LYS B 29 -11.94 -1.86 -14.91
C LYS B 29 -13.06 -1.07 -14.27
N SER B 30 -12.71 -0.03 -13.52
CA SER B 30 -13.73 0.82 -12.93
C SER B 30 -14.18 1.84 -13.96
N LYS B 31 -15.07 2.74 -13.56
CA LYS B 31 -15.52 3.81 -14.44
C LYS B 31 -14.34 4.67 -14.87
N TYR B 32 -13.24 4.62 -14.11
CA TYR B 32 -12.16 5.56 -14.31
C TYR B 32 -10.82 4.96 -14.75
N GLN B 33 -10.52 3.75 -14.29
CA GLN B 33 -9.19 3.22 -14.49
C GLN B 33 -9.12 1.72 -14.35
N ASN B 34 -8.07 1.12 -14.93
CA ASN B 34 -7.81 -0.29 -14.75
C ASN B 34 -7.17 -0.53 -13.40
N VAL B 35 -7.73 -1.49 -12.66
CA VAL B 35 -7.33 -1.77 -11.30
C VAL B 35 -6.75 -3.17 -11.23
N LEU B 36 -5.51 -3.27 -10.77
CA LEU B 36 -4.83 -4.55 -10.69
C LEU B 36 -4.25 -4.70 -9.30
N VAL B 37 -4.52 -5.85 -8.68
CA VAL B 37 -3.98 -6.14 -7.36
C VAL B 37 -3.34 -7.52 -7.41
N PHE B 38 -2.05 -7.59 -7.10
CA PHE B 38 -1.40 -8.89 -7.11
C PHE B 38 -0.49 -9.03 -5.91
N GLU B 39 -0.26 -10.27 -5.50
CA GLU B 39 0.78 -10.54 -4.52
C GLU B 39 2.08 -10.77 -5.24
N SER B 40 3.07 -9.94 -4.93
CA SER B 40 4.41 -10.09 -5.48
C SER B 40 5.15 -11.11 -4.63
N THR B 41 6.29 -11.59 -5.12
CA THR B 41 7.05 -12.61 -4.40
C THR B 41 7.86 -12.03 -3.23
N THR B 42 8.27 -10.76 -3.32
CA THR B 42 9.14 -10.20 -2.30
C THR B 42 8.72 -8.82 -1.79
N TYR B 43 7.70 -8.20 -2.40
CA TYR B 43 7.24 -6.88 -1.91
C TYR B 43 5.84 -6.90 -1.27
N GLY B 44 5.32 -8.10 -1.05
CA GLY B 44 3.96 -8.26 -0.55
C GLY B 44 2.97 -7.90 -1.64
N LYS B 45 1.76 -7.52 -1.23
CA LYS B 45 0.73 -7.14 -2.19
C LYS B 45 1.00 -5.78 -2.83
N VAL B 46 0.51 -5.63 -4.04
CA VAL B 46 0.82 -4.48 -4.87
C VAL B 46 -0.45 -3.97 -5.53
N LEU B 47 -0.64 -2.66 -5.50
CA LEU B 47 -1.80 -2.03 -6.14
C LEU B 47 -1.32 -1.26 -7.36
N VAL B 48 -1.89 -1.58 -8.53
CA VAL B 48 -1.55 -0.90 -9.78
C VAL B 48 -2.79 -0.22 -10.38
N LEU B 49 -2.62 1.02 -10.85
CA LEU B 49 -3.69 1.76 -11.47
C LEU B 49 -3.21 2.24 -12.82
N ASP B 50 -3.92 1.86 -13.87
CA ASP B 50 -3.53 2.19 -15.23
C ASP B 50 -2.07 1.85 -15.52
N GLY B 51 -1.61 0.71 -15.00
CA GLY B 51 -0.26 0.25 -15.26
C GLY B 51 0.79 0.89 -14.37
N VAL B 52 0.37 1.80 -13.50
CA VAL B 52 1.28 2.53 -12.62
C VAL B 52 1.18 2.01 -11.20
N ILE B 53 2.31 1.57 -10.64
CA ILE B 53 2.32 1.10 -9.26
C ILE B 53 1.88 2.21 -8.30
N GLN B 54 0.88 1.92 -7.49
CA GLN B 54 0.39 2.88 -6.50
C GLN B 54 1.08 2.68 -5.16
N LEU B 55 1.31 1.42 -4.82
CA LEU B 55 1.91 1.07 -3.54
C LEU B 55 2.22 -0.40 -3.44
N THR B 56 3.17 -0.73 -2.58
CA THR B 56 3.36 -2.10 -2.16
C THR B 56 3.41 -2.11 -0.65
N GLU B 57 3.17 -3.27 -0.06
CA GLU B 57 3.15 -3.34 1.41
C GLU B 57 4.53 -3.17 1.99
N LYS B 58 5.53 -3.60 1.23
CA LYS B 58 6.91 -3.59 1.72
C LYS B 58 7.41 -2.19 2.02
N ASP B 59 7.02 -1.22 1.19
CA ASP B 59 7.60 0.12 1.30
C ASP B 59 6.60 1.27 1.40
N GLU B 60 5.30 0.97 1.42
CA GLU B 60 4.29 2.02 1.36
C GLU B 60 4.49 3.02 2.51
N PHE B 61 5.00 2.56 3.64
CA PHE B 61 5.11 3.42 4.84
C PHE B 61 6.06 4.62 4.66
N ALA B 62 7.04 4.48 3.77
CA ALA B 62 7.99 5.58 3.50
C ALA B 62 7.27 6.82 2.98
N TYR B 63 6.42 6.60 2.00
CA TYR B 63 5.67 7.66 1.36
C TYR B 63 4.59 8.22 2.29
N HIS B 64 3.78 7.33 2.87
CA HIS B 64 2.64 7.79 3.67
C HIS B 64 3.08 8.49 4.94
N GLU B 65 4.13 7.98 5.58
CA GLU B 65 4.66 8.65 6.78
C GLU B 65 5.25 10.02 6.48
N MET B 66 6.07 10.12 5.43
CA MET B 66 6.72 11.39 5.10
C MET B 66 5.71 12.44 4.66
N MET B 67 4.75 12.04 3.81
CA MET B 67 3.73 12.96 3.31
C MET B 67 2.84 13.51 4.43
N THR B 68 2.61 12.70 5.45
CA THR B 68 1.74 13.09 6.57
C THR B 68 2.47 13.83 7.71
N HIS B 69 3.56 13.24 8.20
CA HIS B 69 4.19 13.75 9.41
C HIS B 69 5.05 15.00 9.22
N VAL B 70 5.50 15.22 7.99
CA VAL B 70 6.13 16.50 7.66
C VAL B 70 5.18 17.70 7.98
N PRO B 71 4.02 17.80 7.31
CA PRO B 71 3.14 18.92 7.67
C PRO B 71 2.48 18.80 9.06
N MET B 72 2.15 17.59 9.49
CA MET B 72 1.42 17.44 10.76
C MET B 72 2.28 17.67 12.00
N THR B 73 3.60 17.69 11.87
CA THR B 73 4.44 18.03 13.01
C THR B 73 4.82 19.50 13.02
N VAL B 74 4.46 20.21 11.95
CA VAL B 74 4.74 21.64 11.87
C VAL B 74 3.47 22.41 12.25
N SER B 75 2.34 22.02 11.66
CA SER B 75 1.04 22.65 11.95
C SER B 75 0.69 22.48 13.43
N LYS B 76 0.28 23.57 14.08
CA LYS B 76 0.01 23.51 15.51
C LYS B 76 -1.48 23.27 15.79
N GLU B 77 -1.78 22.16 16.45
CA GLU B 77 -3.17 21.83 16.76
C GLU B 77 -4.06 21.79 15.51
N PRO B 78 -3.64 21.05 14.48
CA PRO B 78 -4.52 20.96 13.30
C PRO B 78 -5.85 20.32 13.71
N LYS B 79 -6.95 20.91 13.27
CA LYS B 79 -8.28 20.42 13.62
C LYS B 79 -8.95 19.85 12.38
N ASN B 80 -8.70 20.47 11.23
CA ASN B 80 -9.30 19.99 10.00
C ASN B 80 -8.25 19.66 8.96
N VAL B 81 -8.33 18.45 8.43
CA VAL B 81 -7.37 18.02 7.42
C VAL B 81 -8.10 17.40 6.24
N LEU B 82 -7.60 17.66 5.05
CA LEU B 82 -8.19 17.13 3.84
C LEU B 82 -7.15 16.34 3.08
N VAL B 83 -7.54 15.16 2.60
CA VAL B 83 -6.69 14.38 1.70
C VAL B 83 -7.30 14.35 0.29
N VAL B 84 -6.55 14.80 -0.71
CA VAL B 84 -7.03 14.79 -2.08
C VAL B 84 -6.52 13.53 -2.77
N GLY B 85 -7.43 12.70 -3.28
CA GLY B 85 -7.06 11.45 -3.92
C GLY B 85 -6.60 10.36 -2.96
N GLY B 86 -7.13 10.37 -1.75
CA GLY B 86 -6.60 9.44 -0.76
C GLY B 86 -7.09 8.00 -0.79
N GLY B 87 -7.70 7.59 -1.90
CA GLY B 87 -8.39 6.30 -2.01
C GLY B 87 -7.88 5.11 -1.20
N ASP B 88 -6.58 4.83 -1.29
CA ASP B 88 -6.03 3.63 -0.68
C ASP B 88 -5.98 3.69 0.85
N GLY B 89 -6.08 4.88 1.43
CA GLY B 89 -6.15 5.02 2.87
C GLY B 89 -4.84 5.24 3.62
N GLY B 90 -3.72 5.12 2.94
CA GLY B 90 -2.42 5.22 3.61
C GLY B 90 -2.23 6.52 4.39
N ILE B 91 -2.58 7.64 3.76
CA ILE B 91 -2.45 8.94 4.41
C ILE B 91 -3.42 9.03 5.61
N ILE B 92 -4.66 8.59 5.40
CA ILE B 92 -5.63 8.59 6.49
C ILE B 92 -5.13 7.80 7.69
N ARG B 93 -4.57 6.62 7.43
CA ARG B 93 -4.02 5.81 8.51
C ARG B 93 -3.07 6.64 9.37
N GLU B 94 -2.19 7.38 8.72
CA GLU B 94 -1.21 8.17 9.47
C GLU B 94 -1.87 9.35 10.19
N LEU B 95 -2.88 9.95 9.56
CA LEU B 95 -3.54 11.11 10.17
C LEU B 95 -4.30 10.74 11.44
N CYS B 96 -4.88 9.54 11.45
CA CYS B 96 -5.68 9.10 12.59
C CYS B 96 -4.89 9.10 13.91
N LYS B 97 -3.56 9.08 13.80
CA LYS B 97 -2.68 8.99 14.95
C LYS B 97 -2.63 10.30 15.74
N TYR B 98 -3.07 11.39 15.12
CA TYR B 98 -3.18 12.68 15.81
C TYR B 98 -4.57 12.82 16.45
N LYS B 99 -4.61 12.70 17.78
CA LYS B 99 -5.86 12.79 18.53
C LYS B 99 -6.51 14.18 18.50
N SER B 100 -5.69 15.21 18.25
CA SER B 100 -6.17 16.59 18.27
C SER B 100 -7.07 16.90 17.08
N VAL B 101 -6.95 16.10 16.03
CA VAL B 101 -7.73 16.33 14.82
C VAL B 101 -9.21 15.97 15.01
N GLU B 102 -10.11 16.80 14.48
CA GLU B 102 -11.54 16.56 14.61
C GLU B 102 -12.16 15.97 13.34
N ASN B 103 -11.72 16.46 12.18
CA ASN B 103 -12.24 15.99 10.91
C ASN B 103 -11.13 15.64 9.93
N ILE B 104 -11.19 14.43 9.40
CA ILE B 104 -10.34 14.03 8.29
C ILE B 104 -11.23 13.82 7.09
N ASP B 105 -11.22 14.78 6.18
CA ASP B 105 -12.01 14.68 4.97
C ASP B 105 -11.14 14.10 3.88
N ILE B 106 -11.76 13.32 3.01
CA ILE B 106 -11.04 12.75 1.89
C ILE B 106 -11.91 12.82 0.65
N CYS B 107 -11.30 13.29 -0.43
CA CYS B 107 -11.97 13.42 -1.71
C CYS B 107 -11.34 12.45 -2.70
N GLU B 108 -12.07 11.40 -3.05
CA GLU B 108 -11.57 10.38 -3.98
C GLU B 108 -12.63 10.12 -5.05
N ILE B 109 -12.27 10.28 -6.30
CA ILE B 109 -13.24 10.15 -7.39
C ILE B 109 -13.65 8.70 -7.65
N ASP B 110 -12.76 7.76 -7.33
CA ASP B 110 -13.02 6.35 -7.67
C ASP B 110 -13.26 5.45 -6.48
N GLU B 111 -14.54 5.23 -6.16
CA GLU B 111 -14.88 4.45 -4.98
C GLU B 111 -14.33 3.04 -5.00
N THR B 112 -14.09 2.51 -6.20
CA THR B 112 -13.57 1.14 -6.34
C THR B 112 -12.18 0.96 -5.72
N VAL B 113 -11.38 2.02 -5.82
CA VAL B 113 -10.04 2.01 -5.20
C VAL B 113 -10.19 1.83 -3.71
N ILE B 114 -11.15 2.55 -3.12
CA ILE B 114 -11.39 2.46 -1.69
C ILE B 114 -11.81 1.05 -1.28
N GLU B 115 -12.74 0.48 -2.03
CA GLU B 115 -13.25 -0.86 -1.73
C GLU B 115 -12.14 -1.89 -1.84
N VAL B 116 -11.39 -1.80 -2.95
CA VAL B 116 -10.29 -2.72 -3.22
C VAL B 116 -9.24 -2.64 -2.13
N SER B 117 -9.00 -1.44 -1.60
CA SER B 117 -8.03 -1.27 -0.54
CA SER B 117 -8.03 -1.25 -0.54
C SER B 117 -8.53 -1.84 0.79
N LYS B 118 -9.82 -1.65 1.09
CA LYS B 118 -10.38 -2.23 2.31
C LYS B 118 -10.30 -3.76 2.29
N ILE B 119 -10.46 -4.34 1.10
CA ILE B 119 -10.43 -5.79 0.94
C ILE B 119 -9.03 -6.41 0.98
N TYR B 120 -8.11 -5.89 0.18
CA TYR B 120 -6.80 -6.53 0.03
C TYR B 120 -5.68 -5.87 0.84
N PHE B 121 -5.92 -4.68 1.38
CA PHE B 121 -4.88 -3.93 2.09
C PHE B 121 -5.33 -3.44 3.45
N LYS B 122 -5.66 -4.37 4.35
CA LYS B 122 -6.25 -4.02 5.64
C LYS B 122 -5.35 -3.14 6.49
N ASN B 123 -4.05 -3.42 6.49
CA ASN B 123 -3.11 -2.65 7.30
C ASN B 123 -2.87 -1.23 6.78
N ILE B 124 -3.46 -0.92 5.63
CA ILE B 124 -3.33 0.38 5.01
C ILE B 124 -4.65 1.12 5.05
N SER B 125 -5.75 0.37 4.96
CA SER B 125 -7.07 0.98 4.88
C SER B 125 -7.78 1.05 6.23
N CYS B 126 -7.10 0.61 7.29
CA CYS B 126 -7.68 0.52 8.63
C CYS B 126 -8.21 1.85 9.19
N GLY B 127 -7.66 2.96 8.71
CA GLY B 127 -8.07 4.28 9.16
C GLY B 127 -9.49 4.67 8.78
N TYR B 128 -10.07 4.02 7.77
CA TYR B 128 -11.48 4.28 7.43
C TYR B 128 -12.46 4.02 8.60
N GLU B 129 -12.07 3.16 9.54
CA GLU B 129 -12.89 2.87 10.72
C GLU B 129 -12.96 4.03 11.72
N ASP B 130 -12.03 4.97 11.63
CA ASP B 130 -12.05 6.11 12.52
C ASP B 130 -13.29 6.95 12.23
N LYS B 131 -14.07 7.23 13.26
CA LYS B 131 -15.34 7.95 13.12
C LYS B 131 -15.15 9.38 12.59
N ARG B 132 -13.92 9.89 12.74
CA ARG B 132 -13.64 11.24 12.30
C ARG B 132 -13.48 11.32 10.78
N VAL B 133 -13.43 10.17 10.11
CA VAL B 133 -13.18 10.17 8.67
C VAL B 133 -14.45 10.36 7.84
N ASN B 134 -14.42 11.37 6.97
CA ASN B 134 -15.53 11.65 6.08
C ASN B 134 -15.08 11.50 4.64
N VAL B 135 -15.75 10.63 3.91
CA VAL B 135 -15.35 10.29 2.54
C VAL B 135 -16.28 10.93 1.53
N PHE B 136 -15.70 11.65 0.58
CA PHE B 136 -16.46 12.27 -0.49
C PHE B 136 -16.03 11.74 -1.86
N ILE B 137 -16.94 11.05 -2.53
CA ILE B 137 -16.69 10.50 -3.85
C ILE B 137 -16.91 11.60 -4.87
N GLU B 138 -15.89 12.43 -5.06
CA GLU B 138 -16.05 13.66 -5.82
C GLU B 138 -14.75 14.00 -6.54
N ASP B 139 -14.86 14.82 -7.58
CA ASP B 139 -13.70 15.37 -8.27
C ASP B 139 -13.03 16.40 -7.37
N ALA B 140 -11.71 16.32 -7.26
CA ALA B 140 -10.96 17.19 -6.38
C ALA B 140 -11.20 18.68 -6.61
N SER B 141 -11.13 19.09 -7.88
CA SER B 141 -11.26 20.50 -8.22
C SER B 141 -12.65 21.01 -7.84
N LYS B 142 -13.65 20.16 -8.06
CA LYS B 142 -15.03 20.48 -7.71
C LYS B 142 -15.20 20.60 -6.20
N PHE B 143 -14.73 19.60 -5.46
CA PHE B 143 -14.78 19.64 -4.01
C PHE B 143 -14.10 20.90 -3.50
N LEU B 144 -12.95 21.22 -4.09
CA LEU B 144 -12.09 22.27 -3.58
C LEU B 144 -12.67 23.68 -3.70
N GLU B 145 -13.31 24.00 -4.81
CA GLU B 145 -13.87 25.35 -4.98
C GLU B 145 -15.06 25.56 -4.04
N ASN B 146 -15.60 24.46 -3.54
CA ASN B 146 -16.71 24.54 -2.59
C ASN B 146 -16.30 24.77 -1.14
N VAL B 147 -15.00 24.95 -0.90
CA VAL B 147 -14.50 25.16 0.46
C VAL B 147 -13.57 26.36 0.53
N THR B 148 -13.71 27.18 1.57
CA THR B 148 -12.77 28.28 1.75
C THR B 148 -12.43 28.46 3.24
N ASN B 149 -11.17 28.73 3.53
CA ASN B 149 -10.74 29.06 4.88
C ASN B 149 -11.04 27.94 5.88
N THR B 150 -10.82 26.70 5.47
CA THR B 150 -11.28 25.58 6.29
C THR B 150 -10.16 24.70 6.85
N TYR B 151 -9.22 24.30 6.00
CA TYR B 151 -8.26 23.26 6.40
C TYR B 151 -6.93 23.78 6.92
N ASP B 152 -6.46 23.15 7.99
CA ASP B 152 -5.13 23.43 8.52
C ASP B 152 -4.04 22.77 7.68
N VAL B 153 -4.35 21.61 7.12
CA VAL B 153 -3.42 20.88 6.25
C VAL B 153 -4.18 20.22 5.11
N ILE B 154 -3.60 20.29 3.91
CA ILE B 154 -4.14 19.58 2.76
C ILE B 154 -3.02 18.74 2.14
N ILE B 155 -3.27 17.45 1.98
CA ILE B 155 -2.29 16.53 1.44
C ILE B 155 -2.81 16.01 0.11
N VAL B 156 -2.14 16.40 -0.98
CA VAL B 156 -2.54 15.98 -2.31
C VAL B 156 -1.84 14.66 -2.64
N ASP B 157 -2.59 13.58 -2.55
CA ASP B 157 -2.04 12.26 -2.74
C ASP B 157 -2.40 11.76 -4.13
N SER B 158 -1.92 12.42 -5.17
CA SER B 158 -2.13 11.93 -6.52
C SER B 158 -1.24 12.68 -7.50
N SER B 159 -0.82 11.98 -8.54
CA SER B 159 -0.16 12.61 -9.68
C SER B 159 -1.18 13.54 -10.33
N ASP B 160 -2.08 12.94 -11.10
CA ASP B 160 -3.22 13.65 -11.65
C ASP B 160 -4.33 12.65 -11.94
N PRO B 161 -5.50 13.16 -12.35
CA PRO B 161 -6.34 12.47 -13.31
C PRO B 161 -5.96 13.30 -14.52
N ASN B 170 -2.43 22.55 -11.44
CA ASN B 170 -2.07 23.64 -12.33
C ASN B 170 -2.17 24.95 -11.53
N GLN B 171 -2.10 26.09 -12.21
CA GLN B 171 -2.13 27.38 -11.52
C GLN B 171 -3.46 27.59 -10.78
N ASN B 172 -4.54 27.19 -11.43
CA ASN B 172 -5.89 27.32 -10.87
C ASN B 172 -6.13 26.35 -9.71
N PHE B 173 -5.62 25.12 -9.85
CA PHE B 173 -5.70 24.13 -8.79
C PHE B 173 -5.12 24.70 -7.49
N TYR B 174 -3.93 25.27 -7.57
CA TYR B 174 -3.28 25.77 -6.36
C TYR B 174 -3.95 27.00 -5.75
N GLU B 175 -4.65 27.77 -6.58
CA GLU B 175 -5.48 28.87 -6.11
C GLU B 175 -6.57 28.33 -5.19
N LYS B 176 -7.19 27.24 -5.62
CA LYS B 176 -8.23 26.59 -4.85
C LYS B 176 -7.66 26.05 -3.53
N ILE B 177 -6.49 25.42 -3.59
CA ILE B 177 -5.81 24.97 -2.37
C ILE B 177 -5.60 26.14 -1.44
N TYR B 178 -4.99 27.19 -1.97
CA TYR B 178 -4.64 28.37 -1.18
C TYR B 178 -5.87 28.87 -0.44
N ASN B 179 -6.98 28.94 -1.15
CA ASN B 179 -8.17 29.49 -0.54
CA ASN B 179 -8.22 29.47 -0.59
C ASN B 179 -8.87 28.54 0.43
N ALA B 180 -8.80 27.24 0.15
CA ALA B 180 -9.39 26.24 1.06
C ALA B 180 -8.67 26.19 2.40
N LEU B 181 -7.42 26.65 2.41
CA LEU B 181 -6.60 26.59 3.60
C LEU B 181 -6.90 27.73 4.57
N LYS B 182 -6.69 27.47 5.86
CA LYS B 182 -6.70 28.51 6.88
C LYS B 182 -5.58 29.50 6.60
N PRO B 183 -5.60 30.66 7.26
CA PRO B 183 -4.59 31.69 6.94
C PRO B 183 -3.17 31.21 7.25
N ASN B 184 -3.03 30.23 8.14
CA ASN B 184 -1.73 29.65 8.48
C ASN B 184 -1.63 28.18 8.07
N GLY B 185 -2.42 27.78 7.08
CA GLY B 185 -2.46 26.39 6.66
C GLY B 185 -1.36 25.96 5.71
N TYR B 186 -1.14 24.66 5.62
CA TYR B 186 -0.09 24.08 4.80
C TYR B 186 -0.63 23.09 3.78
N CYS B 187 0.01 23.01 2.62
CA CYS B 187 -0.32 21.97 1.64
C CYS B 187 0.95 21.24 1.25
N VAL B 188 0.91 19.91 1.21
CA VAL B 188 2.00 19.15 0.60
C VAL B 188 1.40 18.33 -0.52
N ALA B 189 2.17 18.09 -1.57
CA ALA B 189 1.65 17.44 -2.75
C ALA B 189 2.66 16.51 -3.37
N GLN B 190 2.20 15.34 -3.75
CA GLN B 190 3.06 14.41 -4.45
C GLN B 190 3.63 15.12 -5.68
N CYS B 191 4.95 15.18 -5.76
CA CYS B 191 5.60 15.87 -6.87
C CYS B 191 6.55 14.86 -7.51
N GLU B 192 7.38 15.29 -8.45
CA GLU B 192 8.07 14.34 -9.33
C GLU B 192 9.30 13.71 -8.70
N SER B 193 9.94 12.80 -9.44
CA SER B 193 11.27 12.31 -9.04
C SER B 193 12.31 13.31 -9.53
N LEU B 194 13.24 13.69 -8.64
CA LEU B 194 14.27 14.63 -9.06
C LEU B 194 15.19 14.01 -10.13
N TRP B 195 15.10 12.69 -10.32
CA TRP B 195 15.95 12.04 -11.32
C TRP B 195 15.36 12.01 -12.73
N ILE B 196 14.09 12.40 -12.87
CA ILE B 196 13.40 12.24 -14.15
C ILE B 196 12.84 13.53 -14.71
N HIS B 197 12.18 14.33 -13.88
CA HIS B 197 11.45 15.49 -14.40
C HIS B 197 11.74 16.77 -13.64
N VAL B 198 12.98 17.24 -13.71
CA VAL B 198 13.37 18.47 -13.04
C VAL B 198 12.62 19.68 -13.60
N GLY B 199 12.33 19.64 -14.90
CA GLY B 199 11.55 20.68 -15.55
C GLY B 199 10.14 20.81 -14.96
N THR B 200 9.45 19.68 -14.84
CA THR B 200 8.15 19.68 -14.20
C THR B 200 8.27 20.23 -12.77
N ILE B 201 9.26 19.78 -12.01
CA ILE B 201 9.44 20.23 -10.63
C ILE B 201 9.60 21.75 -10.59
N LYS B 202 10.40 22.29 -11.50
CA LYS B 202 10.57 23.75 -11.58
C LYS B 202 9.23 24.42 -11.87
N ASN B 203 8.48 23.87 -12.81
CA ASN B 203 7.18 24.42 -13.15
C ASN B 203 6.27 24.51 -11.94
N MET B 204 6.13 23.38 -11.24
CA MET B 204 5.25 23.31 -10.07
C MET B 204 5.67 24.29 -8.98
N ILE B 205 6.98 24.38 -8.72
CA ILE B 205 7.47 25.33 -7.74
C ILE B 205 7.11 26.74 -8.20
N GLY B 206 7.24 26.98 -9.51
CA GLY B 206 6.82 28.24 -10.12
C GLY B 206 5.37 28.60 -9.80
N TYR B 207 4.43 27.74 -10.17
CA TYR B 207 3.01 27.99 -9.89
C TYR B 207 2.78 28.36 -8.42
N ALA B 208 3.28 27.51 -7.53
CA ALA B 208 2.96 27.65 -6.11
C ALA B 208 3.55 28.93 -5.51
N LYS B 209 4.71 29.34 -6.01
CA LYS B 209 5.38 30.52 -5.48
C LYS B 209 4.58 31.79 -5.78
N LYS B 210 3.75 31.72 -6.83
CA LYS B 210 2.88 32.84 -7.18
C LYS B 210 1.80 33.06 -6.12
N LEU B 211 1.54 32.05 -5.30
CA LEU B 211 0.48 32.14 -4.29
C LEU B 211 1.00 32.02 -2.87
N PHE B 212 1.94 31.11 -2.66
CA PHE B 212 2.40 30.79 -1.31
C PHE B 212 3.68 31.53 -0.96
N LYS B 213 3.79 31.96 0.30
CA LYS B 213 4.94 32.70 0.78
C LYS B 213 6.22 31.85 0.71
N LYS B 214 6.12 30.61 1.16
CA LYS B 214 7.26 29.70 1.13
C LYS B 214 6.95 28.37 0.41
N VAL B 215 7.83 28.00 -0.51
CA VAL B 215 7.66 26.78 -1.29
C VAL B 215 8.95 25.97 -1.25
N GLU B 216 8.88 24.77 -0.71
CA GLU B 216 10.06 23.96 -0.48
C GLU B 216 9.84 22.59 -1.11
N TYR B 217 10.90 21.81 -1.21
CA TYR B 217 10.79 20.53 -1.91
C TYR B 217 11.58 19.46 -1.15
N ALA B 218 10.93 18.32 -0.89
CA ALA B 218 11.59 17.25 -0.13
C ALA B 218 11.61 15.98 -0.95
N ASN B 219 12.53 15.09 -0.59
CA ASN B 219 12.68 13.83 -1.30
C ASN B 219 12.49 12.65 -0.36
N ILE B 220 11.84 11.61 -0.88
CA ILE B 220 11.55 10.40 -0.11
C ILE B 220 12.12 9.23 -0.86
N SER B 221 12.84 8.38 -0.15
CA SER B 221 13.38 7.17 -0.75
C SER B 221 12.31 6.10 -0.67
N ILE B 222 11.95 5.54 -1.81
CA ILE B 222 10.97 4.47 -1.89
C ILE B 222 11.16 3.68 -3.21
N PRO B 223 11.54 2.41 -3.09
CA PRO B 223 12.10 1.67 -4.24
C PRO B 223 11.12 1.38 -5.36
N THR B 224 9.81 1.29 -5.08
CA THR B 224 8.87 0.84 -6.12
C THR B 224 8.20 1.97 -6.90
N TYR B 225 8.69 3.20 -6.73
CA TYR B 225 8.33 4.30 -7.60
C TYR B 225 9.52 4.57 -8.51
N PRO B 226 9.25 5.04 -9.74
CA PRO B 226 10.29 5.20 -10.77
C PRO B 226 11.51 5.94 -10.22
N CYS B 227 12.67 5.33 -10.42
CA CYS B 227 13.95 5.93 -10.02
C CYS B 227 14.20 5.77 -8.53
N GLY B 228 13.24 5.13 -7.85
CA GLY B 228 13.41 4.77 -6.45
C GLY B 228 13.23 5.94 -5.49
N CYS B 229 12.58 7.02 -5.95
CA CYS B 229 12.31 8.14 -5.05
C CYS B 229 11.18 9.02 -5.58
N ILE B 230 10.62 9.87 -4.73
CA ILE B 230 9.56 10.77 -5.17
C ILE B 230 9.54 12.01 -4.28
N GLY B 231 9.12 13.14 -4.85
CA GLY B 231 9.22 14.41 -4.16
C GLY B 231 7.94 14.86 -3.48
N ILE B 232 8.10 15.79 -2.55
CA ILE B 232 6.97 16.43 -1.91
C ILE B 232 7.10 17.92 -2.14
N LEU B 233 6.08 18.53 -2.74
CA LEU B 233 6.02 19.97 -2.90
C LEU B 233 5.37 20.51 -1.64
N CYS B 234 6.06 21.36 -0.91
CA CYS B 234 5.60 21.82 0.40
C CYS B 234 5.28 23.30 0.36
N CYS B 235 4.00 23.64 0.61
CA CYS B 235 3.52 25.01 0.47
C CYS B 235 3.08 25.59 1.80
N SER B 236 3.65 26.75 2.13
CA SER B 236 3.35 27.42 3.39
C SER B 236 2.89 28.85 3.14
N LYS B 237 1.93 29.32 3.94
CA LYS B 237 1.49 30.70 3.83
C LYS B 237 2.35 31.63 4.69
N THR B 238 3.09 31.04 5.62
CA THR B 238 4.03 31.81 6.44
C THR B 238 5.42 31.81 5.83
N ASP B 239 6.37 32.45 6.50
CA ASP B 239 7.74 32.49 6.02
C ASP B 239 8.56 31.36 6.65
N THR B 240 8.00 30.74 7.67
CA THR B 240 8.73 29.75 8.46
C THR B 240 8.86 28.38 7.76
N GLY B 241 7.94 28.08 6.85
CA GLY B 241 8.06 26.90 6.01
C GLY B 241 7.88 25.56 6.70
N LEU B 242 8.29 24.49 6.01
CA LEU B 242 8.00 23.14 6.48
C LEU B 242 9.22 22.26 6.80
N THR B 243 10.42 22.82 6.79
CA THR B 243 11.61 21.99 6.99
C THR B 243 11.92 21.66 8.45
N LYS B 244 11.30 22.36 9.38
CA LYS B 244 11.60 22.10 10.80
C LYS B 244 10.35 21.74 11.61
N PRO B 245 10.33 20.52 12.17
CA PRO B 245 9.19 20.09 12.98
C PRO B 245 9.10 20.88 14.29
N ASN B 246 7.88 21.15 14.76
CA ASN B 246 7.65 21.90 15.99
C ASN B 246 7.43 21.01 17.20
N LYS B 247 7.17 19.73 16.96
CA LYS B 247 6.86 18.79 18.01
C LYS B 247 7.49 17.44 17.68
N LYS B 248 7.56 16.57 18.68
CA LYS B 248 8.10 15.24 18.49
C LYS B 248 7.00 14.22 18.65
N LEU B 249 7.02 13.19 17.82
CA LEU B 249 5.99 12.17 17.83
C LEU B 249 6.31 11.08 18.84
N GLU B 250 6.13 11.37 20.12
CA GLU B 250 6.48 10.39 21.14
C GLU B 250 5.32 9.71 21.86
N SER B 251 4.10 10.11 21.55
CA SER B 251 2.94 9.45 22.13
C SER B 251 2.82 8.06 21.52
N LYS B 252 2.00 7.21 22.13
CA LYS B 252 1.97 5.79 21.80
C LYS B 252 1.49 5.49 20.38
N GLU B 253 0.70 6.40 19.81
CA GLU B 253 0.17 6.18 18.46
C GLU B 253 1.30 6.12 17.42
N PHE B 254 2.45 6.68 17.79
CA PHE B 254 3.55 6.92 16.86
C PHE B 254 4.72 5.99 17.08
N ALA B 255 4.54 5.02 17.97
CA ALA B 255 5.62 4.13 18.38
C ALA B 255 6.02 3.17 17.27
N ASP B 256 5.08 2.91 16.37
CA ASP B 256 5.22 1.97 15.26
CA ASP B 256 5.37 1.94 15.32
C ASP B 256 5.86 2.58 14.01
N LEU B 257 6.17 3.87 14.04
CA LEU B 257 6.63 4.56 12.83
C LEU B 257 7.85 3.84 12.24
N LYS B 258 7.85 3.62 10.93
CA LYS B 258 8.92 2.83 10.30
C LYS B 258 9.93 3.62 9.48
N TYR B 259 9.63 4.88 9.19
CA TYR B 259 10.52 5.70 8.39
C TYR B 259 10.71 7.06 9.02
N TYR B 260 9.62 7.81 9.16
CA TYR B 260 9.74 9.19 9.59
C TYR B 260 10.37 9.26 10.98
N ASN B 261 11.25 10.24 11.18
CA ASN B 261 11.59 10.68 12.53
C ASN B 261 12.02 12.14 12.51
N TYR B 262 12.26 12.68 13.70
CA TYR B 262 12.51 14.09 13.88
C TYR B 262 13.69 14.56 13.04
N GLU B 263 14.78 13.80 13.04
CA GLU B 263 15.95 14.25 12.27
C GLU B 263 15.78 14.09 10.76
N ASN B 264 15.17 12.99 10.32
CA ASN B 264 15.16 12.77 8.88
C ASN B 264 14.07 13.60 8.18
N HIS B 265 13.22 14.22 9.00
CA HIS B 265 12.28 15.24 8.56
C HIS B 265 13.01 16.39 7.86
N SER B 266 13.99 16.98 8.54
CA SER B 266 14.81 18.03 7.95
C SER B 266 15.73 17.48 6.86
N ALA B 267 16.29 16.29 7.07
CA ALA B 267 17.20 15.72 6.06
C ALA B 267 16.56 15.60 4.68
N ALA B 268 15.23 15.44 4.65
CA ALA B 268 14.55 15.18 3.38
C ALA B 268 14.62 16.39 2.46
N PHE B 269 14.82 17.57 3.04
CA PHE B 269 14.90 18.81 2.26
C PHE B 269 16.33 19.14 1.83
N LYS B 270 17.30 18.28 2.14
CA LYS B 270 18.68 18.53 1.71
C LYS B 270 18.92 17.80 0.40
N LEU B 271 18.86 18.52 -0.72
CA LEU B 271 18.77 17.90 -2.04
C LEU B 271 20.09 17.92 -2.80
N PRO B 272 20.25 17.01 -3.78
CA PRO B 272 21.50 17.02 -4.54
C PRO B 272 21.78 18.40 -5.15
N ALA B 273 23.05 18.79 -5.14
CA ALA B 273 23.48 20.08 -5.65
C ALA B 273 22.88 20.46 -7.01
N PHE B 274 22.81 19.51 -7.94
CA PHE B 274 22.30 19.85 -9.27
C PHE B 274 20.84 20.32 -9.22
N LEU B 275 20.05 19.77 -8.30
CA LEU B 275 18.65 20.20 -8.17
C LEU B 275 18.56 21.57 -7.53
N LEU B 276 19.32 21.77 -6.44
CA LEU B 276 19.38 23.07 -5.78
C LEU B 276 19.64 24.16 -6.80
N LYS B 277 20.65 23.94 -7.63
CA LYS B 277 21.04 24.91 -8.63
C LYS B 277 19.87 25.20 -9.58
N GLU B 278 19.19 24.15 -10.02
CA GLU B 278 18.03 24.32 -10.90
C GLU B 278 16.88 25.10 -10.25
N ILE B 279 16.61 24.83 -8.97
CA ILE B 279 15.43 25.41 -8.36
C ILE B 279 15.67 26.71 -7.60
N GLU B 280 16.91 27.19 -7.60
N GLU B 280 16.93 27.17 -7.60
CA GLU B 280 17.15 28.56 -7.18
CA GLU B 280 17.27 28.52 -7.18
C GLU B 280 17.43 29.38 -8.43
C GLU B 280 17.23 29.40 -8.42
N ASN B 281 17.16 28.77 -9.58
CA ASN B 281 17.10 29.44 -10.86
C ASN B 281 15.64 29.77 -11.16
N ILE B 282 14.83 29.73 -10.10
CA ILE B 282 13.41 30.06 -10.17
C ILE B 282 13.22 31.57 -10.07
N LYS C 2 13.85 -1.76 -30.74
CA LYS C 2 14.94 -1.70 -29.75
C LYS C 2 14.80 -2.78 -28.68
N LYS C 3 15.92 -3.37 -28.27
CA LYS C 3 15.89 -4.32 -27.18
C LYS C 3 16.10 -3.61 -25.83
N TRP C 4 15.94 -4.37 -24.75
CA TRP C 4 16.04 -3.84 -23.40
C TRP C 4 17.09 -4.64 -22.66
N PHE C 5 17.87 -3.97 -21.82
CA PHE C 5 18.72 -4.69 -20.88
C PHE C 5 18.00 -4.79 -19.53
N SER C 6 17.97 -5.99 -18.96
CA SER C 6 17.30 -6.22 -17.69
C SER C 6 18.26 -6.78 -16.66
N GLU C 7 18.23 -6.20 -15.47
CA GLU C 7 19.17 -6.57 -14.41
C GLU C 7 18.53 -7.51 -13.39
N PHE C 8 18.72 -8.82 -13.59
CA PHE C 8 18.24 -9.81 -12.64
C PHE C 8 19.41 -10.29 -11.80
N SER C 9 19.11 -10.71 -10.58
CA SER C 9 20.13 -11.26 -9.68
C SER C 9 19.47 -11.93 -8.48
N ILE C 10 20.10 -12.97 -7.97
CA ILE C 10 19.63 -13.61 -6.74
C ILE C 10 19.87 -12.67 -5.56
N MET C 11 20.74 -11.69 -5.75
CA MET C 11 20.99 -10.68 -4.71
C MET C 11 19.77 -9.78 -4.46
N TRP C 12 18.86 -9.73 -5.43
CA TRP C 12 17.61 -8.99 -5.25
C TRP C 12 16.47 -9.71 -5.95
N PRO C 13 16.04 -10.85 -5.38
CA PRO C 13 15.05 -11.72 -6.01
C PRO C 13 13.71 -11.00 -6.14
N GLY C 14 13.01 -11.25 -7.24
CA GLY C 14 11.65 -10.74 -7.40
C GLY C 14 11.51 -9.33 -7.92
N GLN C 15 12.61 -8.73 -8.35
CA GLN C 15 12.56 -7.39 -8.90
C GLN C 15 13.59 -7.26 -9.99
N ALA C 16 13.41 -6.30 -10.89
CA ALA C 16 14.42 -6.03 -11.88
C ALA C 16 14.21 -4.63 -12.39
N PHE C 17 15.32 -3.94 -12.62
CA PHE C 17 15.29 -2.65 -13.29
C PHE C 17 15.78 -2.92 -14.72
N SER C 18 15.17 -2.25 -15.69
CA SER C 18 15.50 -2.46 -17.13
C SER C 18 15.78 -1.13 -17.81
N LEU C 19 16.73 -1.15 -18.73
CA LEU C 19 17.05 0.03 -19.52
C LEU C 19 16.93 -0.28 -21.02
N LYS C 20 16.36 0.66 -21.78
CA LYS C 20 16.25 0.51 -23.23
C LYS C 20 17.60 0.76 -23.92
N ILE C 21 18.00 -0.20 -24.77
CA ILE C 21 19.30 -0.18 -25.44
C ILE C 21 19.28 0.60 -26.78
N LYS C 22 20.11 1.63 -26.90
CA LYS C 22 20.22 2.31 -28.18
C LYS C 22 21.16 1.54 -29.09
N LYS C 23 22.27 1.08 -28.52
CA LYS C 23 23.20 0.16 -29.22
C LYS C 23 24.26 -0.41 -28.29
N ILE C 24 24.54 -1.70 -28.46
CA ILE C 24 25.62 -2.38 -27.79
C ILE C 24 26.96 -1.94 -28.37
N LEU C 25 27.91 -1.59 -27.50
CA LEU C 25 29.19 -1.07 -27.94
C LEU C 25 30.35 -2.04 -27.78
N TYR C 26 30.17 -3.05 -26.93
CA TYR C 26 31.29 -3.92 -26.57
C TYR C 26 30.84 -5.02 -25.61
N GLU C 27 31.26 -6.25 -25.90
CA GLU C 27 30.97 -7.41 -25.07
C GLU C 27 32.15 -8.35 -25.10
N THR C 28 32.62 -8.74 -23.93
CA THR C 28 33.76 -9.62 -23.84
C THR C 28 33.76 -10.39 -22.53
N LYS C 29 34.63 -11.39 -22.44
CA LYS C 29 34.79 -12.14 -21.21
C LYS C 29 36.23 -11.99 -20.76
N SER C 30 36.44 -11.25 -19.68
CA SER C 30 37.78 -11.08 -19.14
C SER C 30 38.16 -12.33 -18.34
N LYS C 31 39.35 -12.32 -17.76
CA LYS C 31 39.77 -13.44 -16.92
C LYS C 31 38.85 -13.63 -15.72
N TYR C 32 38.09 -12.59 -15.37
CA TYR C 32 37.32 -12.62 -14.11
C TYR C 32 35.80 -12.55 -14.26
N GLN C 33 35.31 -11.86 -15.29
CA GLN C 33 33.89 -11.61 -15.37
C GLN C 33 33.46 -11.25 -16.80
N ASN C 34 32.16 -11.35 -17.06
CA ASN C 34 31.59 -10.90 -18.34
C ASN C 34 31.43 -9.39 -18.35
N VAL C 35 31.91 -8.76 -19.42
CA VAL C 35 31.87 -7.30 -19.54
C VAL C 35 30.94 -6.87 -20.68
N LEU C 36 30.04 -5.96 -20.37
CA LEU C 36 29.13 -5.39 -21.35
C LEU C 36 29.08 -3.88 -21.21
N VAL C 37 29.26 -3.17 -22.32
CA VAL C 37 29.07 -1.72 -22.38
C VAL C 37 27.99 -1.47 -23.43
N PHE C 38 26.94 -0.76 -23.06
CA PHE C 38 25.97 -0.34 -24.06
C PHE C 38 25.57 1.11 -23.88
N GLU C 39 25.06 1.71 -24.95
CA GLU C 39 24.47 3.03 -24.86
C GLU C 39 23.00 2.83 -24.62
N SER C 40 22.47 3.45 -23.55
CA SER C 40 21.06 3.32 -23.25
C SER C 40 20.38 4.48 -23.94
N THR C 41 19.07 4.40 -24.12
CA THR C 41 18.37 5.52 -24.75
C THR C 41 18.32 6.75 -23.84
N THR C 42 18.27 6.58 -22.51
CA THR C 42 18.09 7.75 -21.64
C THR C 42 19.10 7.95 -20.51
N TYR C 43 19.97 6.99 -20.26
CA TYR C 43 20.98 7.14 -19.22
C TYR C 43 22.40 7.24 -19.78
N GLY C 44 22.54 7.36 -21.09
CA GLY C 44 23.85 7.40 -21.71
C GLY C 44 24.48 6.02 -21.72
N LYS C 45 25.80 5.96 -21.80
CA LYS C 45 26.49 4.68 -21.81
C LYS C 45 26.43 3.99 -20.43
N VAL C 46 26.39 2.66 -20.46
CA VAL C 46 26.22 1.87 -19.26
C VAL C 46 27.26 0.76 -19.23
N LEU C 47 27.88 0.59 -18.07
CA LEU C 47 28.85 -0.48 -17.88
C LEU C 47 28.25 -1.57 -17.01
N VAL C 48 28.32 -2.81 -17.49
CA VAL C 48 27.75 -3.94 -16.81
C VAL C 48 28.76 -5.05 -16.58
N LEU C 49 28.91 -5.48 -15.34
CA LEU C 49 29.79 -6.60 -15.01
C LEU C 49 28.99 -7.76 -14.43
N ASP C 50 29.13 -8.94 -15.05
CA ASP C 50 28.38 -10.13 -14.64
C ASP C 50 26.88 -9.90 -14.59
N GLY C 51 26.37 -9.05 -15.47
CA GLY C 51 24.94 -8.81 -15.55
C GLY C 51 24.44 -7.75 -14.58
N VAL C 52 25.36 -7.16 -13.81
CA VAL C 52 25.04 -6.14 -12.81
C VAL C 52 25.49 -4.76 -13.27
N ILE C 53 24.60 -3.78 -13.20
CA ILE C 53 24.94 -2.42 -13.59
C ILE C 53 25.97 -1.84 -12.65
N GLN C 54 27.07 -1.34 -13.23
CA GLN C 54 28.16 -0.77 -12.45
C GLN C 54 28.00 0.73 -12.38
N LEU C 55 27.65 1.32 -13.52
CA LEU C 55 27.41 2.76 -13.58
C LEU C 55 26.70 3.13 -14.86
N THR C 56 26.23 4.36 -14.92
CA THR C 56 25.71 4.95 -16.15
C THR C 56 26.20 6.37 -16.12
N GLU C 57 26.35 6.97 -17.30
CA GLU C 57 26.82 8.34 -17.38
C GLU C 57 25.90 9.33 -16.67
N LYS C 58 24.60 9.04 -16.70
CA LYS C 58 23.63 10.01 -16.18
C LYS C 58 23.75 10.25 -14.66
N ASP C 59 24.04 9.20 -13.91
CA ASP C 59 23.91 9.34 -12.46
C ASP C 59 25.14 8.90 -11.68
N GLU C 60 26.20 8.48 -12.37
CA GLU C 60 27.40 8.00 -11.66
C GLU C 60 27.92 9.05 -10.67
N PHE C 61 27.77 10.32 -10.99
CA PHE C 61 28.27 11.37 -10.10
C PHE C 61 27.77 11.26 -8.65
N ALA C 62 26.57 10.74 -8.44
CA ALA C 62 25.97 10.68 -7.09
C ALA C 62 26.80 9.79 -6.19
N TYR C 63 27.09 8.60 -6.70
CA TYR C 63 27.87 7.62 -5.99
C TYR C 63 29.33 8.04 -5.83
N HIS C 64 29.97 8.41 -6.92
CA HIS C 64 31.40 8.74 -6.84
C HIS C 64 31.70 9.95 -5.96
N GLU C 65 30.80 10.93 -5.98
CA GLU C 65 31.00 12.13 -5.17
C GLU C 65 30.80 11.83 -3.69
N MET C 66 29.75 11.07 -3.36
CA MET C 66 29.46 10.83 -1.96
C MET C 66 30.48 9.90 -1.34
N MET C 67 30.85 8.86 -2.08
CA MET C 67 31.87 7.95 -1.59
C MET C 67 33.21 8.61 -1.34
N THR C 68 33.55 9.59 -2.17
CA THR C 68 34.85 10.26 -2.08
C THR C 68 34.84 11.43 -1.10
N HIS C 69 33.86 12.31 -1.25
CA HIS C 69 33.93 13.59 -0.54
C HIS C 69 33.46 13.50 0.92
N VAL C 70 32.78 12.41 1.26
CA VAL C 70 32.46 12.14 2.65
C VAL C 70 33.74 11.98 3.50
N PRO C 71 34.57 10.97 3.18
CA PRO C 71 35.82 10.82 3.95
C PRO C 71 36.83 11.94 3.69
N MET C 72 36.88 12.49 2.48
CA MET C 72 37.93 13.46 2.13
C MET C 72 37.71 14.86 2.74
N THR C 73 36.49 15.17 3.14
CA THR C 73 36.24 16.45 3.80
C THR C 73 36.32 16.32 5.32
N VAL C 74 36.39 15.10 5.83
CA VAL C 74 36.55 14.86 7.25
C VAL C 74 38.02 14.71 7.62
N SER C 75 38.75 13.86 6.89
CA SER C 75 40.21 13.78 7.05
C SER C 75 40.79 15.19 6.88
N LYS C 76 41.64 15.59 7.81
CA LYS C 76 42.08 16.98 7.89
C LYS C 76 42.97 17.36 6.71
N GLU C 77 44.00 16.56 6.49
CA GLU C 77 44.99 16.84 5.47
C GLU C 77 45.42 15.54 4.81
N PRO C 78 44.51 14.89 4.08
CA PRO C 78 44.82 13.57 3.52
C PRO C 78 45.88 13.69 2.44
N LYS C 79 46.91 12.84 2.49
CA LYS C 79 48.01 12.90 1.52
C LYS C 79 48.04 11.64 0.67
N ASN C 80 47.77 10.50 1.30
CA ASN C 80 47.92 9.23 0.63
C ASN C 80 46.60 8.44 0.70
N VAL C 81 46.05 8.11 -0.47
CA VAL C 81 44.73 7.49 -0.54
C VAL C 81 44.76 6.21 -1.34
N LEU C 82 44.06 5.18 -0.85
CA LEU C 82 43.94 3.92 -1.59
C LEU C 82 42.51 3.70 -2.05
N VAL C 83 42.37 3.30 -3.31
CA VAL C 83 41.08 2.87 -3.82
C VAL C 83 41.14 1.37 -4.04
N VAL C 84 40.24 0.64 -3.40
CA VAL C 84 40.15 -0.81 -3.61
C VAL C 84 39.03 -1.08 -4.62
N GLY C 85 39.33 -1.84 -5.66
CA GLY C 85 38.41 -1.96 -6.78
C GLY C 85 38.40 -0.65 -7.57
N GLY C 86 37.23 -0.20 -8.01
CA GLY C 86 37.11 1.11 -8.65
C GLY C 86 37.80 1.33 -10.00
N GLY C 87 37.92 0.26 -10.79
CA GLY C 87 38.62 0.32 -12.05
C GLY C 87 38.09 1.32 -13.08
N ASP C 88 36.80 1.62 -13.01
CA ASP C 88 36.23 2.62 -13.89
C ASP C 88 36.87 4.00 -13.71
N GLY C 89 37.54 4.24 -12.59
CA GLY C 89 38.18 5.54 -12.36
C GLY C 89 37.35 6.62 -11.68
N GLY C 90 36.06 6.36 -11.48
CA GLY C 90 35.18 7.38 -10.93
C GLY C 90 35.69 8.02 -9.65
N ILE C 91 36.08 7.18 -8.69
CA ILE C 91 36.61 7.64 -7.41
C ILE C 91 37.90 8.41 -7.64
N ILE C 92 38.78 7.85 -8.46
CA ILE C 92 40.04 8.52 -8.79
C ILE C 92 39.79 9.95 -9.29
N ARG C 93 38.79 10.11 -10.16
CA ARG C 93 38.48 11.42 -10.71
C ARG C 93 38.19 12.41 -9.57
N GLU C 94 37.32 12.02 -8.65
CA GLU C 94 36.96 12.90 -7.53
C GLU C 94 38.16 13.14 -6.62
N LEU C 95 38.97 12.11 -6.41
CA LEU C 95 40.17 12.29 -5.59
C LEU C 95 41.13 13.34 -6.16
N CYS C 96 41.35 13.30 -7.46
CA CYS C 96 42.31 14.19 -8.12
C CYS C 96 41.94 15.66 -7.94
N LYS C 97 40.69 15.93 -7.62
CA LYS C 97 40.26 17.32 -7.42
C LYS C 97 40.92 17.92 -6.20
N TYR C 98 41.46 17.06 -5.33
CA TYR C 98 42.16 17.52 -4.12
C TYR C 98 43.63 17.74 -4.43
N LYS C 99 44.00 19.01 -4.62
CA LYS C 99 45.38 19.37 -4.96
C LYS C 99 46.33 18.97 -3.84
N SER C 100 45.82 18.94 -2.61
CA SER C 100 46.63 18.60 -1.44
C SER C 100 47.05 17.12 -1.41
N VAL C 101 46.29 16.26 -2.08
CA VAL C 101 46.63 14.85 -2.18
C VAL C 101 47.96 14.65 -2.92
N GLU C 102 48.80 13.75 -2.42
CA GLU C 102 50.15 13.53 -2.96
C GLU C 102 50.27 12.21 -3.74
N ASN C 103 49.48 11.22 -3.35
CA ASN C 103 49.56 9.90 -3.99
C ASN C 103 48.21 9.22 -3.98
N ILE C 104 47.85 8.58 -5.09
CA ILE C 104 46.66 7.77 -5.13
C ILE C 104 47.00 6.37 -5.63
N ASP C 105 46.85 5.38 -4.77
CA ASP C 105 46.99 4.00 -5.22
C ASP C 105 45.63 3.45 -5.51
N ILE C 106 45.53 2.63 -6.55
CA ILE C 106 44.32 1.90 -6.83
C ILE C 106 44.67 0.46 -7.09
N CYS C 107 43.88 -0.43 -6.52
CA CYS C 107 44.15 -1.85 -6.57
C CYS C 107 42.91 -2.51 -7.15
N GLU C 108 43.03 -2.93 -8.40
CA GLU C 108 41.91 -3.47 -9.14
C GLU C 108 42.32 -4.77 -9.80
N ILE C 109 41.55 -5.82 -9.59
CA ILE C 109 41.94 -7.16 -10.04
C ILE C 109 41.86 -7.35 -11.55
N ASP C 110 40.95 -6.61 -12.20
CA ASP C 110 40.62 -6.88 -13.60
C ASP C 110 41.02 -5.67 -14.44
N GLU C 111 42.12 -5.78 -15.16
CA GLU C 111 42.62 -4.64 -15.93
C GLU C 111 41.77 -4.37 -17.17
N THR C 112 40.97 -5.35 -17.58
CA THR C 112 40.01 -5.14 -18.64
C THR C 112 39.02 -4.04 -18.25
N VAL C 113 38.65 -4.00 -16.98
CA VAL C 113 37.67 -3.01 -16.55
C VAL C 113 38.29 -1.64 -16.73
N ILE C 114 39.58 -1.53 -16.44
CA ILE C 114 40.27 -0.26 -16.65
C ILE C 114 40.39 0.10 -18.13
N GLU C 115 40.73 -0.87 -18.97
CA GLU C 115 40.88 -0.63 -20.40
C GLU C 115 39.56 -0.22 -21.01
N VAL C 116 38.51 -0.97 -20.68
CA VAL C 116 37.18 -0.70 -21.24
C VAL C 116 36.73 0.69 -20.84
N SER C 117 37.13 1.12 -19.65
CA SER C 117 36.69 2.42 -19.15
C SER C 117 37.45 3.57 -19.79
N LYS C 118 38.70 3.33 -20.13
CA LYS C 118 39.50 4.31 -20.88
C LYS C 118 38.94 4.52 -22.29
N ILE C 119 38.34 3.48 -22.84
CA ILE C 119 37.81 3.54 -24.20
C ILE C 119 36.41 4.18 -24.22
N TYR C 120 35.51 3.67 -23.40
CA TYR C 120 34.11 4.06 -23.48
C TYR C 120 33.61 5.07 -22.43
N PHE C 121 34.43 5.38 -21.43
CA PHE C 121 33.96 6.27 -20.37
C PHE C 121 34.98 7.33 -19.98
N LYS C 122 35.37 8.14 -20.95
CA LYS C 122 36.50 9.06 -20.76
C LYS C 122 36.24 10.12 -19.72
N ASN C 123 34.98 10.50 -19.54
CA ASN C 123 34.61 11.45 -18.49
C ASN C 123 34.72 10.86 -17.08
N ILE C 124 34.89 9.55 -17.02
CA ILE C 124 34.96 8.85 -15.75
C ILE C 124 36.40 8.40 -15.49
N SER C 125 37.08 8.00 -16.55
CA SER C 125 38.40 7.40 -16.40
C SER C 125 39.55 8.39 -16.63
N CYS C 126 39.22 9.68 -16.69
CA CYS C 126 40.21 10.69 -17.03
C CYS C 126 41.32 10.82 -15.97
N GLY C 127 41.00 10.49 -14.72
CA GLY C 127 41.96 10.60 -13.64
C GLY C 127 43.21 9.75 -13.78
N TYR C 128 43.15 8.69 -14.60
CA TYR C 128 44.32 7.85 -14.82
C TYR C 128 45.51 8.62 -15.39
N GLU C 129 45.24 9.77 -16.00
CA GLU C 129 46.30 10.59 -16.58
C GLU C 129 47.05 11.40 -15.51
N ASP C 130 46.47 11.52 -14.33
CA ASP C 130 47.11 12.26 -13.23
C ASP C 130 48.36 11.52 -12.76
N LYS C 131 49.45 12.26 -12.62
CA LYS C 131 50.75 11.69 -12.33
C LYS C 131 50.79 11.08 -10.94
N ARG C 132 49.89 11.52 -10.06
CA ARG C 132 49.83 11.02 -8.69
C ARG C 132 49.26 9.60 -8.62
N VAL C 133 48.66 9.15 -9.71
CA VAL C 133 47.91 7.90 -9.69
C VAL C 133 48.78 6.68 -10.02
N ASN C 134 48.72 5.68 -9.14
CA ASN C 134 49.46 4.45 -9.35
C ASN C 134 48.56 3.25 -9.36
N VAL C 135 48.69 2.43 -10.39
CA VAL C 135 47.78 1.33 -10.61
C VAL C 135 48.43 -0.02 -10.30
N PHE C 136 47.73 -0.81 -9.50
CA PHE C 136 48.20 -2.16 -9.19
C PHE C 136 47.14 -3.16 -9.58
N ILE C 137 47.49 -4.04 -10.51
CA ILE C 137 46.59 -5.10 -10.92
C ILE C 137 46.72 -6.32 -10.00
N GLU C 138 46.08 -6.24 -8.84
CA GLU C 138 46.24 -7.28 -7.82
C GLU C 138 44.97 -7.45 -6.99
N ASP C 139 44.89 -8.58 -6.31
CA ASP C 139 43.89 -8.84 -5.29
C ASP C 139 44.21 -7.91 -4.11
N ALA C 140 43.23 -7.13 -3.66
CA ALA C 140 43.49 -6.12 -2.62
C ALA C 140 43.88 -6.77 -1.29
N SER C 141 43.41 -7.99 -1.07
CA SER C 141 43.74 -8.72 0.13
C SER C 141 45.23 -9.06 0.17
N LYS C 142 45.79 -9.38 -0.99
CA LYS C 142 47.23 -9.64 -1.09
C LYS C 142 48.06 -8.34 -1.09
N PHE C 143 47.52 -7.29 -1.71
CA PHE C 143 48.21 -6.00 -1.80
C PHE C 143 48.40 -5.39 -0.40
N LEU C 144 47.40 -5.55 0.46
CA LEU C 144 47.42 -4.96 1.78
C LEU C 144 48.14 -5.78 2.85
N GLU C 145 48.46 -7.03 2.54
CA GLU C 145 49.09 -7.92 3.53
C GLU C 145 50.29 -7.26 4.22
N ASN C 146 51.16 -6.66 3.41
CA ASN C 146 52.39 -6.08 3.92
C ASN C 146 52.31 -4.57 4.21
N VAL C 147 51.10 -4.04 4.35
CA VAL C 147 50.94 -2.59 4.41
C VAL C 147 50.46 -2.06 5.77
N THR C 148 51.22 -1.14 6.34
CA THR C 148 50.98 -0.68 7.69
C THR C 148 51.11 0.83 7.77
N ASN C 149 50.18 1.47 8.48
CA ASN C 149 50.36 2.87 8.86
C ASN C 149 50.66 3.76 7.65
N THR C 150 49.86 3.64 6.60
CA THR C 150 50.21 4.24 5.32
C THR C 150 49.17 5.18 4.71
N TYR C 151 47.90 4.77 4.73
CA TYR C 151 46.86 5.53 4.06
C TYR C 151 46.08 6.41 5.02
N ASP C 152 45.81 7.63 4.59
CA ASP C 152 44.91 8.52 5.33
C ASP C 152 43.45 8.12 5.11
N VAL C 153 43.15 7.67 3.90
CA VAL C 153 41.79 7.28 3.53
C VAL C 153 41.89 6.04 2.67
N ILE C 154 41.03 5.06 2.92
CA ILE C 154 40.86 3.92 2.01
C ILE C 154 39.40 3.86 1.56
N ILE C 155 39.19 3.74 0.25
CA ILE C 155 37.84 3.73 -0.28
C ILE C 155 37.61 2.43 -1.00
N VAL C 156 36.71 1.62 -0.47
CA VAL C 156 36.45 0.31 -1.05
C VAL C 156 35.29 0.41 -2.04
N ASP C 157 35.63 0.63 -3.31
CA ASP C 157 34.62 0.81 -4.36
C ASP C 157 34.41 -0.52 -5.03
N SER C 158 33.75 -1.43 -4.34
CA SER C 158 33.63 -2.78 -4.86
C SER C 158 32.35 -2.93 -5.68
N SER C 159 32.28 -4.04 -6.40
CA SER C 159 31.03 -4.53 -6.92
C SER C 159 30.40 -5.37 -5.80
N ASP C 160 29.27 -6.00 -6.08
CA ASP C 160 28.56 -6.81 -5.10
C ASP C 160 29.36 -8.05 -4.66
N PRO C 161 28.93 -8.71 -3.56
CA PRO C 161 29.71 -9.80 -2.97
C PRO C 161 29.70 -11.09 -3.80
N ILE C 162 28.90 -11.13 -4.86
CA ILE C 162 28.96 -12.24 -5.81
C ILE C 162 29.85 -11.85 -7.00
N GLY C 163 31.03 -12.46 -7.07
CA GLY C 163 32.03 -12.10 -8.06
C GLY C 163 33.40 -11.91 -7.41
N PRO C 164 34.30 -11.19 -8.10
CA PRO C 164 35.67 -10.97 -7.58
C PRO C 164 35.70 -10.07 -6.32
N ALA C 165 34.57 -9.44 -5.99
CA ALA C 165 34.51 -8.55 -4.84
C ALA C 165 34.13 -9.30 -3.56
N GLU C 166 33.86 -10.59 -3.70
CA GLU C 166 33.48 -11.45 -2.57
C GLU C 166 34.48 -11.40 -1.40
N THR C 167 35.77 -11.36 -1.74
CA THR C 167 36.83 -11.36 -0.73
C THR C 167 36.89 -10.08 0.10
N LEU C 168 36.04 -9.12 -0.22
CA LEU C 168 36.06 -7.81 0.43
C LEU C 168 34.94 -7.63 1.46
N PHE C 169 34.03 -8.58 1.55
CA PHE C 169 32.92 -8.48 2.50
C PHE C 169 33.09 -9.45 3.67
N ASN C 170 34.21 -9.32 4.39
CA ASN C 170 34.53 -10.21 5.51
C ASN C 170 35.46 -9.56 6.52
N GLN C 171 35.53 -10.16 7.71
CA GLN C 171 36.22 -9.57 8.85
C GLN C 171 37.75 -9.47 8.68
N ASN C 172 38.34 -10.43 7.98
CA ASN C 172 39.80 -10.44 7.83
C ASN C 172 40.32 -9.30 6.95
N PHE C 173 39.61 -9.03 5.87
CA PHE C 173 39.96 -7.94 4.97
C PHE C 173 39.95 -6.64 5.76
N TYR C 174 38.98 -6.50 6.63
CA TYR C 174 38.85 -5.31 7.45
C TYR C 174 40.00 -5.14 8.44
N GLU C 175 40.61 -6.25 8.85
CA GLU C 175 41.79 -6.16 9.72
C GLU C 175 42.94 -5.58 8.94
N LYS C 176 43.07 -5.97 7.68
CA LYS C 176 44.10 -5.38 6.82
C LYS C 176 43.85 -3.89 6.50
N ILE C 177 42.60 -3.52 6.25
CA ILE C 177 42.27 -2.11 6.05
C ILE C 177 42.67 -1.33 7.31
N TYR C 178 42.25 -1.83 8.47
CA TYR C 178 42.53 -1.15 9.74
C TYR C 178 44.01 -0.90 9.88
N ASN C 179 44.80 -1.94 9.62
CA ASN C 179 46.24 -1.83 9.75
C ASN C 179 46.95 -0.95 8.72
N ALA C 180 46.43 -0.93 7.49
CA ALA C 180 47.05 -0.12 6.46
C ALA C 180 46.77 1.38 6.69
N LEU C 181 45.70 1.67 7.42
CA LEU C 181 45.36 3.05 7.70
C LEU C 181 46.32 3.65 8.73
N LYS C 182 46.49 4.97 8.65
CA LYS C 182 47.24 5.72 9.66
C LYS C 182 46.44 5.78 10.95
N PRO C 183 47.05 6.30 12.03
CA PRO C 183 46.33 6.21 13.31
C PRO C 183 45.00 6.97 13.34
N ASN C 184 44.87 8.02 12.52
CA ASN C 184 43.59 8.71 12.42
C ASN C 184 42.97 8.54 11.03
N GLY C 185 43.23 7.41 10.39
CA GLY C 185 42.71 7.16 9.05
C GLY C 185 41.24 6.82 9.03
N TYR C 186 40.64 6.89 7.85
CA TYR C 186 39.22 6.58 7.64
C TYR C 186 39.05 5.58 6.49
N CYS C 187 38.07 4.68 6.63
CA CYS C 187 37.72 3.82 5.50
C CYS C 187 36.24 3.96 5.22
N VAL C 188 35.88 4.15 3.95
CA VAL C 188 34.49 4.00 3.53
C VAL C 188 34.39 2.88 2.52
N ALA C 189 33.27 2.16 2.55
CA ALA C 189 33.10 1.00 1.70
C ALA C 189 31.69 0.93 1.18
N GLN C 190 31.57 0.53 -0.07
CA GLN C 190 30.26 0.36 -0.65
C GLN C 190 29.53 -0.71 0.14
N CYS C 191 28.31 -0.41 0.55
CA CYS C 191 27.57 -1.31 1.42
C CYS C 191 26.21 -1.30 0.76
N GLU C 192 25.31 -2.18 1.15
CA GLU C 192 24.25 -2.44 0.18
C GLU C 192 23.06 -1.47 0.26
N SER C 193 21.93 -1.87 -0.30
CA SER C 193 20.74 -1.04 -0.23
C SER C 193 19.98 -1.35 1.06
N LEU C 194 19.60 -0.32 1.80
CA LEU C 194 18.84 -0.49 3.05
C LEU C 194 17.44 -1.07 2.83
N TRP C 195 16.96 -1.06 1.59
CA TRP C 195 15.64 -1.63 1.29
C TRP C 195 15.65 -3.15 1.09
N ILE C 196 16.80 -3.75 0.83
CA ILE C 196 16.81 -5.20 0.60
C ILE C 196 17.93 -5.99 1.25
N HIS C 197 18.98 -5.30 1.71
CA HIS C 197 20.17 -6.02 2.15
C HIS C 197 20.46 -5.80 3.63
N VAL C 198 19.44 -5.73 4.48
CA VAL C 198 19.67 -5.33 5.87
C VAL C 198 20.55 -6.32 6.61
N GLY C 199 20.39 -7.61 6.34
CA GLY C 199 21.26 -8.63 6.91
C GLY C 199 22.72 -8.39 6.58
N THR C 200 22.99 -8.06 5.32
CA THR C 200 24.36 -7.75 4.88
C THR C 200 24.87 -6.50 5.60
N ILE C 201 24.01 -5.51 5.76
CA ILE C 201 24.41 -4.27 6.41
C ILE C 201 24.84 -4.51 7.87
N LYS C 202 24.06 -5.28 8.60
CA LYS C 202 24.37 -5.58 10.01
C LYS C 202 25.66 -6.40 10.16
N ASN C 203 25.86 -7.38 9.28
CA ASN C 203 27.13 -8.11 9.22
C ASN C 203 28.31 -7.17 9.09
N MET C 204 28.23 -6.28 8.09
CA MET C 204 29.34 -5.39 7.80
C MET C 204 29.62 -4.42 8.94
N ILE C 205 28.57 -3.80 9.46
CA ILE C 205 28.75 -2.91 10.61
C ILE C 205 29.38 -3.68 11.78
N GLY C 206 28.92 -4.91 11.97
CA GLY C 206 29.45 -5.77 13.01
C GLY C 206 30.93 -6.03 12.89
N TYR C 207 31.40 -6.43 11.70
CA TYR C 207 32.83 -6.68 11.48
C TYR C 207 33.63 -5.43 11.76
N ALA C 208 33.15 -4.31 11.25
CA ALA C 208 33.88 -3.08 11.37
C ALA C 208 33.98 -2.65 12.83
N LYS C 209 32.90 -2.86 13.58
CA LYS C 209 32.88 -2.45 15.00
C LYS C 209 33.86 -3.22 15.91
N LYS C 210 34.27 -4.40 15.49
CA LYS C 210 35.30 -5.13 16.22
C LYS C 210 36.62 -4.40 16.13
N LEU C 211 36.78 -3.60 15.08
CA LEU C 211 38.04 -2.93 14.81
C LEU C 211 38.01 -1.43 15.07
N PHE C 212 37.02 -0.76 14.50
CA PHE C 212 36.96 0.69 14.53
C PHE C 212 36.17 1.21 15.74
N LYS C 213 36.61 2.34 16.26
CA LYS C 213 35.94 2.99 17.39
CA LYS C 213 35.92 2.97 17.39
C LYS C 213 34.54 3.47 16.97
N LYS C 214 34.46 4.13 15.82
CA LYS C 214 33.19 4.67 15.33
C LYS C 214 32.81 4.12 13.96
N VAL C 215 31.67 3.42 13.89
CA VAL C 215 31.15 2.88 12.63
C VAL C 215 29.77 3.45 12.33
N GLU C 216 29.63 4.10 11.18
CA GLU C 216 28.40 4.79 10.81
C GLU C 216 27.93 4.35 9.41
N TYR C 217 26.72 4.75 9.02
CA TYR C 217 26.17 4.29 7.73
C TYR C 217 25.40 5.43 7.08
N ALA C 218 25.69 5.66 5.80
CA ALA C 218 25.09 6.77 5.08
C ALA C 218 24.45 6.24 3.78
N ASN C 219 23.44 6.94 3.29
CA ASN C 219 22.65 6.48 2.13
C ASN C 219 22.79 7.46 0.96
N ILE C 220 22.90 6.92 -0.25
CA ILE C 220 22.99 7.72 -1.49
C ILE C 220 21.78 7.43 -2.37
N SER C 221 21.16 8.49 -2.91
CA SER C 221 20.12 8.31 -3.91
C SER C 221 20.76 8.15 -5.29
N ILE C 222 20.51 7.02 -5.96
CA ILE C 222 21.00 6.79 -7.31
C ILE C 222 20.10 5.77 -8.04
N PRO C 223 19.40 6.21 -9.08
CA PRO C 223 18.30 5.39 -9.63
C PRO C 223 18.72 4.05 -10.26
N THR C 224 19.95 3.92 -10.74
CA THR C 224 20.32 2.73 -11.54
C THR C 224 21.06 1.67 -10.76
N TYR C 225 21.04 1.79 -9.44
CA TYR C 225 21.31 0.65 -8.56
C TYR C 225 19.96 0.16 -8.00
N PRO C 226 19.87 -1.14 -7.66
CA PRO C 226 18.62 -1.76 -7.19
C PRO C 226 18.03 -1.01 -5.99
N CYS C 227 16.74 -0.72 -6.06
CA CYS C 227 15.98 0.04 -5.04
C CYS C 227 16.25 1.53 -5.07
N GLY C 228 17.11 1.96 -5.99
CA GLY C 228 17.38 3.37 -6.19
C GLY C 228 18.26 4.02 -5.13
N CYS C 229 18.97 3.22 -4.35
CA CYS C 229 19.90 3.79 -3.38
C CYS C 229 20.95 2.74 -3.01
N ILE C 230 22.07 3.21 -2.51
CA ILE C 230 23.10 2.30 -2.02
C ILE C 230 23.78 2.94 -0.80
N GLY C 231 24.32 2.12 0.08
CA GLY C 231 24.91 2.63 1.31
C GLY C 231 26.42 2.77 1.34
N ILE C 232 26.90 3.63 2.22
CA ILE C 232 28.31 3.76 2.55
C ILE C 232 28.57 3.29 3.98
N LEU C 233 29.36 2.22 4.12
CA LEU C 233 29.87 1.85 5.43
C LEU C 233 31.02 2.80 5.77
N CYS C 234 30.89 3.52 6.88
CA CYS C 234 31.84 4.56 7.27
C CYS C 234 32.60 4.24 8.56
N CYS C 235 33.91 4.06 8.44
CA CYS C 235 34.72 3.55 9.54
C CYS C 235 35.76 4.54 9.99
N SER C 236 35.67 4.94 11.26
CA SER C 236 36.60 5.91 11.84
C SER C 236 37.36 5.28 13.00
N LYS C 237 38.64 5.65 13.16
CA LYS C 237 39.44 5.19 14.28
C LYS C 237 39.26 6.10 15.49
N THR C 238 38.77 7.33 15.25
CA THR C 238 38.48 8.28 16.33
C THR C 238 37.01 8.18 16.76
N ASP C 239 36.62 8.89 17.81
CA ASP C 239 35.22 8.79 18.26
C ASP C 239 34.30 9.83 17.61
N THR C 240 34.90 10.79 16.93
CA THR C 240 34.11 11.82 16.27
C THR C 240 33.41 11.37 14.98
N GLY C 241 33.88 10.29 14.37
CA GLY C 241 33.23 9.75 13.19
C GLY C 241 33.27 10.59 11.91
N LEU C 242 32.32 10.34 11.03
CA LEU C 242 32.42 10.86 9.68
C LEU C 242 31.22 11.70 9.26
N THR C 243 30.34 12.05 10.21
CA THR C 243 29.09 12.72 9.85
C THR C 243 29.24 14.23 9.65
N LYS C 244 30.32 14.80 10.15
CA LYS C 244 30.51 16.26 10.07
C LYS C 244 31.81 16.64 9.33
N PRO C 245 31.68 17.30 8.19
CA PRO C 245 32.86 17.70 7.41
C PRO C 245 33.67 18.76 8.15
N ASN C 246 35.00 18.72 7.98
CA ASN C 246 35.92 19.66 8.62
C ASN C 246 36.38 20.73 7.64
N LYS C 247 35.87 20.62 6.42
CA LYS C 247 36.18 21.58 5.35
C LYS C 247 35.00 21.67 4.39
N LYS C 248 34.97 22.73 3.60
CA LYS C 248 33.95 22.85 2.56
C LYS C 248 34.60 22.87 1.19
N LEU C 249 33.88 22.35 0.20
CA LEU C 249 34.41 22.21 -1.13
C LEU C 249 33.94 23.38 -2.00
N GLU C 250 34.58 24.53 -1.84
CA GLU C 250 34.10 25.77 -2.43
C GLU C 250 35.02 26.31 -3.52
N SER C 251 36.22 25.76 -3.63
CA SER C 251 37.20 26.23 -4.60
C SER C 251 36.89 25.74 -6.00
N LYS C 252 37.56 26.31 -7.00
CA LYS C 252 37.27 26.06 -8.41
C LYS C 252 37.37 24.60 -8.83
N GLU C 253 38.23 23.82 -8.18
CA GLU C 253 38.35 22.40 -8.50
C GLU C 253 37.06 21.65 -8.23
N PHE C 254 36.20 22.21 -7.39
CA PHE C 254 34.94 21.56 -7.03
C PHE C 254 33.70 22.24 -7.58
N ALA C 255 33.90 23.15 -8.52
CA ALA C 255 32.81 23.86 -9.18
C ALA C 255 31.84 22.92 -9.89
N ASP C 256 32.33 21.78 -10.36
CA ASP C 256 31.49 20.88 -11.14
C ASP C 256 30.65 19.87 -10.33
N LEU C 257 30.71 19.94 -9.01
CA LEU C 257 30.00 18.94 -8.20
C LEU C 257 28.49 18.97 -8.52
N LYS C 258 27.89 17.79 -8.69
CA LYS C 258 26.47 17.70 -9.02
C LYS C 258 25.59 17.05 -7.94
N TYR C 259 26.19 16.54 -6.87
CA TYR C 259 25.39 15.95 -5.79
C TYR C 259 25.87 16.41 -4.43
N TYR C 260 27.13 16.11 -4.11
CA TYR C 260 27.68 16.39 -2.80
C TYR C 260 27.67 17.89 -2.50
N ASN C 261 27.27 18.23 -1.28
CA ASN C 261 27.61 19.52 -0.72
C ASN C 261 27.66 19.44 0.82
N TYR C 262 28.00 20.53 1.48
CA TYR C 262 28.21 20.55 2.94
C TYR C 262 27.07 19.90 3.72
N GLU C 263 25.84 20.32 3.43
CA GLU C 263 24.65 19.87 4.16
C GLU C 263 24.19 18.48 3.75
N ASN C 264 24.39 18.13 2.48
CA ASN C 264 24.06 16.80 1.99
C ASN C 264 24.93 15.74 2.66
N HIS C 265 26.15 16.15 3.03
CA HIS C 265 27.08 15.26 3.71
C HIS C 265 26.45 14.68 4.99
N SER C 266 25.97 15.55 5.86
CA SER C 266 25.34 15.09 7.12
C SER C 266 23.96 14.49 6.90
N ALA C 267 23.18 15.06 5.98
CA ALA C 267 21.83 14.56 5.74
C ALA C 267 21.88 13.09 5.39
N ALA C 268 22.96 12.67 4.72
CA ALA C 268 23.05 11.32 4.17
C ALA C 268 23.05 10.29 5.28
N PHE C 269 23.39 10.74 6.50
CA PHE C 269 23.49 9.82 7.62
C PHE C 269 22.18 9.73 8.43
N LYS C 270 21.17 10.50 8.04
CA LYS C 270 19.87 10.46 8.75
C LYS C 270 19.01 9.36 8.18
N LEU C 271 18.99 8.22 8.86
CA LEU C 271 18.46 6.99 8.26
C LEU C 271 17.00 6.77 8.64
N PRO C 272 16.28 5.98 7.82
CA PRO C 272 14.88 5.63 8.15
C PRO C 272 14.78 4.90 9.48
N ALA C 273 13.72 5.18 10.23
CA ALA C 273 13.49 4.60 11.55
C ALA C 273 13.70 3.10 11.61
N PHE C 274 13.19 2.36 10.63
CA PHE C 274 13.32 0.91 10.70
C PHE C 274 14.80 0.46 10.68
N LEU C 275 15.64 1.16 9.92
CA LEU C 275 17.03 0.74 9.80
C LEU C 275 17.77 1.05 11.11
N LEU C 276 17.50 2.21 11.68
CA LEU C 276 18.12 2.58 12.97
C LEU C 276 17.87 1.49 14.01
N LYS C 277 16.64 0.99 14.02
CA LYS C 277 16.22 -0.06 14.93
C LYS C 277 16.99 -1.37 14.68
N GLU C 278 17.16 -1.73 13.43
CA GLU C 278 17.97 -2.91 13.11
C GLU C 278 19.43 -2.70 13.55
N ILE C 279 19.95 -1.51 13.32
CA ILE C 279 21.35 -1.23 13.65
C ILE C 279 21.59 -1.30 15.18
N GLU C 280 20.55 -1.01 15.96
CA GLU C 280 20.62 -1.16 17.43
C GLU C 280 20.72 -2.61 17.87
N ASN C 281 20.39 -3.55 16.99
CA ASN C 281 20.43 -4.96 17.34
C ASN C 281 21.67 -5.66 16.76
N ILE C 282 22.73 -4.89 16.59
CA ILE C 282 23.96 -5.45 16.06
C ILE C 282 24.94 -5.78 17.16
N1 SPD D . -27.30 -21.45 9.47
C2 SPD D . -27.60 -20.64 8.28
C3 SPD D . -27.38 -19.14 8.52
C4 SPD D . -27.72 -18.43 7.20
C5 SPD D . -27.58 -16.89 7.09
N6 SPD D . -27.91 -16.74 5.67
C7 SPD D . -27.74 -15.53 4.87
C8 SPD D . -27.94 -16.11 3.45
C9 SPD D . -27.76 -15.20 2.23
N10 SPD D . -28.70 -14.09 2.22
C1 GOL E . -37.68 -34.46 15.08
O1 GOL E . -36.51 -33.79 15.49
C2 GOL E . -38.36 -35.13 16.27
O2 GOL E . -37.90 -34.57 17.48
C3 GOL E . -39.87 -34.97 16.17
O3 GOL E . -40.45 -35.22 17.43
N1 SPD F . -1.21 6.69 -1.52
C2 SPD F . -0.38 5.84 -2.41
C3 SPD F . 0.27 6.65 -3.54
C4 SPD F . -0.72 7.29 -4.50
C5 SPD F . 0.04 8.08 -5.58
N6 SPD F . 0.94 7.17 -6.31
C7 SPD F . 1.75 7.90 -7.30
C8 SPD F . 2.73 6.97 -8.04
C9 SPD F . 3.59 7.75 -9.04
N10 SPD F . 4.56 6.86 -9.74
S SO4 G . 11.21 17.59 -17.70
O1 SO4 G . 10.33 17.60 -16.53
O2 SO4 G . 11.10 16.28 -18.35
O3 SO4 G . 10.78 18.64 -18.62
O4 SO4 G . 12.61 17.83 -17.31
C1 GOL H . 22.31 16.11 -13.34
O1 GOL H . 22.70 17.24 -14.09
C2 GOL H . 21.07 15.46 -13.98
O2 GOL H . 21.30 15.30 -15.36
C3 GOL H . 20.83 14.09 -13.37
O3 GOL H . 19.70 13.54 -13.98
N1 SPD I . 24.56 -3.29 -7.38
C2 SPD I . 25.76 -2.66 -6.82
C3 SPD I . 26.78 -2.31 -7.92
C4 SPD I . 28.02 -1.64 -7.29
C5 SPD I . 29.07 -1.20 -8.32
N6 SPD I . 30.19 -0.60 -7.59
C7 SPD I . 31.20 0.03 -8.46
C8 SPD I . 30.50 1.15 -9.23
C9 SPD I . 31.42 1.98 -10.12
N10 SPD I . 32.42 2.68 -9.28
C1 GOL J . 11.00 -2.46 7.10
O1 GOL J . 10.77 -3.20 8.28
C2 GOL J . 11.61 -3.38 6.03
O2 GOL J . 10.84 -4.54 5.92
C3 GOL J . 11.61 -2.62 4.71
O3 GOL J . 12.02 -3.48 3.67
#